data_6Z55
#
_entry.id   6Z55
#
_cell.length_a   96.730
_cell.length_b   131.360
_cell.length_c   83.800
_cell.angle_alpha   90.000
_cell.angle_beta   107.800
_cell.angle_gamma   90.000
#
_symmetry.space_group_name_H-M   'C 1 2 1'
#
loop_
_entity.id
_entity.type
_entity.pdbx_description
1 polymer 'Dual specificity protein kinase CLK3'
2 non-polymer 'PHOSPHATE ION'
3 non-polymer 1,2-ETHANEDIOL
4 non-polymer 'SODIUM ION'
5 non-polymer '7,10-Dioxa-13,17,18,21-tetrazatetracyclo[12.5.2.12,6.017,20]docosa-1(20),2(22),3,5,14(21),15,18-heptaene-5-carboxylic acid'
6 water water
#
_entity_poly.entity_id   1
_entity_poly.type   'polypeptide(L)'
_entity_poly.pdbx_seq_one_letter_code
;SMQSSKRSSRSVEDDKEGHLVCRIGDWLQERYEIVGNLGEGTFGKVVECLDHARGKSQVALKIIRNVGKYREAARLEINV
LKKIKEKDKENKFLCVLMSDWFNFHGHMCIAFELLGKNTFEFLKENNFQPYPLPHVRHMAYQLCHALRFLHENQLTHTDL
KPENILFVNSEFETLYNEHKSCEEKSVKNTSIRVADFGSATFDHEHHTTIVATRHYRPPEVILELGWAQPCDVWSIGCIL
FEYYRGFTLFQTHENREHLVMMEKILGPIPSHMIHRTRKQKYFYKGGLVWDENSSDGRYVKENCKPLKSYMLQDSLEHVQ
LFDLMRRMLEFDPAQRITLAEALLHPFFAGLTPEERSFHT
;
_entity_poly.pdbx_strand_id   A,B
#
loop_
_chem_comp.id
_chem_comp.type
_chem_comp.name
_chem_comp.formula
EDO non-polymer 1,2-ETHANEDIOL 'C2 H6 O2'
NA non-polymer 'SODIUM ION' 'Na 1'
PO4 non-polymer 'PHOSPHATE ION' 'O4 P -3'
PQ5 non-polymer '7,10-Dioxa-13,17,18,21-tetrazatetracyclo[12.5.2.12,6.017,20]docosa-1(20),2(22),3,5,14(21),15,18-heptaene-5-carboxylic acid' 'C17 H16 N4 O4'
#
# COMPACT_ATOMS: atom_id res chain seq x y z
N SER A 1 -4.97 -46.70 10.53
CA SER A 1 -5.30 -46.19 9.15
C SER A 1 -6.70 -46.66 8.76
N MET A 2 -7.71 -45.78 8.89
CA MET A 2 -9.06 -46.09 8.35
C MET A 2 -9.00 -46.19 6.81
N GLN A 3 -7.96 -45.62 6.14
CA GLN A 3 -7.95 -45.54 4.67
C GLN A 3 -6.61 -45.97 4.04
N SER A 4 -6.69 -46.37 2.75
CA SER A 4 -5.54 -46.77 1.88
CA SER A 4 -5.52 -46.76 1.90
C SER A 4 -4.97 -45.53 1.17
N SER A 5 -3.64 -45.39 1.09
CA SER A 5 -2.96 -44.13 0.67
C SER A 5 -3.18 -43.78 -0.83
N LYS A 6 -3.07 -44.74 -1.76
CA LYS A 6 -3.27 -44.43 -3.22
C LYS A 6 -4.71 -43.99 -3.45
N ARG A 7 -5.65 -44.85 -3.05
CA ARG A 7 -7.09 -44.58 -3.20
C ARG A 7 -7.40 -43.20 -2.57
N SER A 8 -7.07 -43.02 -1.29
CA SER A 8 -7.43 -41.76 -0.57
C SER A 8 -6.86 -40.54 -1.31
N SER A 9 -5.57 -40.59 -1.75
CA SER A 9 -4.86 -39.43 -2.34
C SER A 9 -5.49 -39.02 -3.68
N ARG A 10 -6.13 -39.95 -4.41
CA ARG A 10 -6.79 -39.58 -5.71
C ARG A 10 -8.27 -39.20 -5.52
N SER A 11 -8.94 -39.63 -4.43
CA SER A 11 -10.38 -39.29 -4.19
C SER A 11 -10.48 -37.85 -3.66
N VAL A 12 -10.78 -36.82 -4.49
CA VAL A 12 -10.61 -35.39 -4.04
C VAL A 12 -11.70 -34.42 -4.52
N GLU A 13 -12.19 -33.48 -3.68
CA GLU A 13 -13.08 -32.40 -4.12
C GLU A 13 -12.97 -31.19 -3.17
N ASP A 14 -13.45 -30.04 -3.63
CA ASP A 14 -13.53 -28.77 -2.86
C ASP A 14 -14.94 -28.41 -2.48
N ASP A 15 -15.07 -27.62 -1.42
CA ASP A 15 -16.35 -27.03 -1.00
C ASP A 15 -16.54 -25.69 -1.72
N LYS A 16 -17.64 -24.99 -1.44
CA LYS A 16 -18.04 -23.77 -2.20
C LYS A 16 -17.06 -22.60 -1.86
N GLU A 17 -16.42 -22.62 -0.70
CA GLU A 17 -15.42 -21.63 -0.24
CA GLU A 17 -15.42 -21.59 -0.30
C GLU A 17 -14.03 -21.96 -0.84
N GLY A 18 -13.89 -23.12 -1.52
CA GLY A 18 -12.63 -23.59 -2.09
C GLY A 18 -11.71 -24.22 -1.07
N HIS A 19 -12.21 -24.61 0.10
CA HIS A 19 -11.46 -25.51 1.01
C HIS A 19 -11.39 -26.93 0.35
N LEU A 20 -10.30 -27.64 0.60
CA LEU A 20 -10.25 -29.10 0.33
C LEU A 20 -11.24 -29.77 1.28
N VAL A 21 -12.16 -30.58 0.77
CA VAL A 21 -12.99 -31.44 1.66
C VAL A 21 -12.09 -32.58 2.18
N CYS A 22 -11.82 -32.65 3.47
CA CYS A 22 -10.94 -33.69 3.99
C CYS A 22 -11.29 -33.97 5.46
N ARG A 23 -10.90 -35.14 5.92
CA ARG A 23 -11.10 -35.52 7.32
C ARG A 23 -9.96 -36.41 7.75
N ILE A 24 -9.86 -36.61 9.05
CA ILE A 24 -8.86 -37.55 9.61
C ILE A 24 -8.90 -38.89 8.88
N GLY A 25 -7.75 -39.47 8.56
CA GLY A 25 -7.64 -40.73 7.81
C GLY A 25 -7.39 -40.54 6.31
N ASP A 26 -7.65 -39.34 5.76
CA ASP A 26 -7.34 -39.06 4.34
C ASP A 26 -5.82 -38.94 4.15
N TRP A 27 -5.37 -39.09 2.93
CA TRP A 27 -3.96 -39.02 2.51
C TRP A 27 -3.74 -37.94 1.45
N LEU A 28 -2.56 -37.34 1.44
CA LEU A 28 -2.10 -36.50 0.31
C LEU A 28 -0.76 -37.05 -0.18
N GLN A 29 -0.50 -36.94 -1.49
CA GLN A 29 0.78 -37.33 -2.13
C GLN A 29 1.14 -38.81 -1.88
N GLU A 30 0.19 -39.68 -1.49
CA GLU A 30 0.48 -41.08 -1.09
C GLU A 30 1.56 -41.08 0.00
N ARG A 31 1.62 -40.03 0.81
CA ARG A 31 2.75 -39.83 1.77
C ARG A 31 2.24 -39.35 3.12
N TYR A 32 1.35 -38.34 3.12
CA TYR A 32 0.87 -37.66 4.34
C TYR A 32 -0.48 -38.21 4.72
N GLU A 33 -0.58 -38.75 5.94
CA GLU A 33 -1.84 -39.26 6.53
C GLU A 33 -2.33 -38.28 7.57
N ILE A 34 -3.52 -37.73 7.39
CA ILE A 34 -4.13 -36.77 8.35
C ILE A 34 -4.51 -37.51 9.64
N VAL A 35 -4.02 -37.02 10.81
CA VAL A 35 -4.33 -37.66 12.12
C VAL A 35 -4.95 -36.63 13.09
N GLY A 36 -4.99 -35.36 12.75
CA GLY A 36 -5.57 -34.30 13.61
C GLY A 36 -5.86 -33.00 12.90
N ASN A 37 -6.67 -32.16 13.51
CA ASN A 37 -6.99 -30.78 13.08
C ASN A 37 -6.16 -29.84 13.95
N LEU A 38 -5.53 -28.81 13.36
CA LEU A 38 -4.65 -27.90 14.11
C LEU A 38 -5.13 -26.45 14.01
N GLY A 39 -5.94 -26.08 13.04
CA GLY A 39 -6.33 -24.68 12.80
C GLY A 39 -7.09 -24.54 11.50
N GLU A 40 -7.95 -23.52 11.40
CA GLU A 40 -8.66 -23.12 10.16
C GLU A 40 -8.51 -21.60 10.08
N GLY A 41 -8.77 -21.04 8.91
CA GLY A 41 -8.65 -19.59 8.78
C GLY A 41 -9.20 -19.20 7.47
N THR A 42 -9.17 -17.89 7.18
CA THR A 42 -9.57 -17.40 5.88
C THR A 42 -8.66 -18.00 4.84
N PHE A 43 -7.42 -18.38 5.20
CA PHE A 43 -6.45 -18.83 4.19
C PHE A 43 -6.68 -20.31 3.81
N GLY A 44 -7.29 -21.09 4.67
CA GLY A 44 -7.24 -22.56 4.47
C GLY A 44 -7.30 -23.30 5.77
N LYS A 45 -6.73 -24.49 5.82
CA LYS A 45 -6.74 -25.28 7.06
C LYS A 45 -5.35 -25.77 7.39
N VAL A 46 -5.15 -26.15 8.62
CA VAL A 46 -3.88 -26.73 9.07
C VAL A 46 -4.23 -28.08 9.68
N VAL A 47 -3.57 -29.13 9.24
CA VAL A 47 -3.80 -30.50 9.80
C VAL A 47 -2.48 -31.07 10.29
N GLU A 48 -2.55 -31.92 11.30
CA GLU A 48 -1.45 -32.79 11.72
C GLU A 48 -1.43 -34.05 10.88
N CYS A 49 -0.28 -34.36 10.28
CA CYS A 49 -0.09 -35.55 9.44
C CYS A 49 1.05 -36.40 9.96
N LEU A 50 0.98 -37.70 9.67
CA LEU A 50 2.17 -38.59 9.71
C LEU A 50 2.80 -38.58 8.32
N ASP A 51 4.11 -38.36 8.25
CA ASP A 51 4.90 -38.41 7.00
C ASP A 51 5.44 -39.82 6.81
N HIS A 52 4.76 -40.63 5.99
CA HIS A 52 5.11 -42.07 5.79
C HIS A 52 6.37 -42.23 4.95
N ALA A 53 6.90 -41.19 4.31
CA ALA A 53 8.21 -41.28 3.62
C ALA A 53 9.37 -40.93 4.56
N ARG A 54 9.10 -40.62 5.84
CA ARG A 54 10.13 -40.21 6.84
C ARG A 54 9.73 -40.80 8.20
N GLY A 55 9.37 -42.09 8.19
CA GLY A 55 9.21 -42.90 9.41
C GLY A 55 7.98 -42.51 10.20
N LYS A 56 6.94 -41.99 9.53
CA LYS A 56 5.70 -41.53 10.20
C LYS A 56 6.02 -40.44 11.23
N SER A 57 7.01 -39.59 10.96
CA SER A 57 7.29 -38.37 11.76
C SER A 57 6.13 -37.39 11.58
N GLN A 58 5.84 -36.61 12.61
CA GLN A 58 4.66 -35.74 12.70
C GLN A 58 4.97 -34.40 12.02
N VAL A 59 4.05 -33.92 11.20
CA VAL A 59 4.17 -32.57 10.57
C VAL A 59 2.88 -31.79 10.80
N ALA A 60 3.00 -30.46 10.79
CA ALA A 60 1.87 -29.54 10.59
C ALA A 60 1.78 -29.24 9.10
N LEU A 61 0.63 -29.50 8.45
CA LEU A 61 0.50 -29.28 6.99
C LEU A 61 -0.55 -28.19 6.76
N LYS A 62 -0.12 -27.05 6.22
CA LYS A 62 -1.06 -26.00 5.77
C LYS A 62 -1.64 -26.37 4.41
N ILE A 63 -2.95 -26.37 4.31
CA ILE A 63 -3.69 -26.66 3.04
C ILE A 63 -4.45 -25.40 2.64
N ILE A 64 -3.90 -24.67 1.69
CA ILE A 64 -4.41 -23.32 1.32
C ILE A 64 -5.63 -23.47 0.42
N ARG A 65 -6.64 -22.60 0.63
CA ARG A 65 -7.84 -22.62 -0.22
C ARG A 65 -7.49 -22.49 -1.71
N ASN A 66 -8.32 -23.12 -2.53
CA ASN A 66 -8.22 -23.04 -4.00
C ASN A 66 -8.78 -21.70 -4.49
N VAL A 67 -8.21 -20.59 -4.03
CA VAL A 67 -8.67 -19.20 -4.32
C VAL A 67 -7.38 -18.39 -4.66
N GLY A 68 -7.33 -17.73 -5.82
CA GLY A 68 -6.11 -17.11 -6.39
C GLY A 68 -5.37 -16.25 -5.39
N LYS A 69 -6.03 -15.36 -4.64
CA LYS A 69 -5.28 -14.44 -3.74
C LYS A 69 -4.56 -15.23 -2.64
N TYR A 70 -5.13 -16.37 -2.17
CA TYR A 70 -4.47 -17.17 -1.11
C TYR A 70 -3.36 -17.99 -1.76
N ARG A 71 -3.60 -18.54 -2.94
CA ARG A 71 -2.62 -19.37 -3.66
C ARG A 71 -1.35 -18.53 -3.86
N GLU A 72 -1.54 -17.31 -4.35
CA GLU A 72 -0.39 -16.40 -4.66
C GLU A 72 0.33 -16.01 -3.38
N ALA A 73 -0.36 -15.67 -2.30
CA ALA A 73 0.32 -15.34 -1.03
C ALA A 73 1.15 -16.55 -0.56
N ALA A 74 0.60 -17.77 -0.69
CA ALA A 74 1.32 -18.98 -0.24
C ALA A 74 2.59 -19.17 -1.08
N ARG A 75 2.50 -18.91 -2.36
CA ARG A 75 3.65 -19.03 -3.31
C ARG A 75 4.76 -18.07 -2.88
N LEU A 76 4.40 -16.88 -2.38
CA LEU A 76 5.40 -15.89 -1.91
C LEU A 76 5.99 -16.36 -0.59
N GLU A 77 5.18 -16.92 0.31
CA GLU A 77 5.65 -17.49 1.58
C GLU A 77 6.65 -18.60 1.25
N ILE A 78 6.29 -19.49 0.33
CA ILE A 78 7.18 -20.66 0.01
C ILE A 78 8.53 -20.12 -0.48
N ASN A 79 8.52 -19.08 -1.31
CA ASN A 79 9.77 -18.47 -1.89
C ASN A 79 10.61 -17.90 -0.72
N VAL A 80 10.01 -17.30 0.31
CA VAL A 80 10.78 -16.82 1.50
C VAL A 80 11.34 -17.98 2.31
N LEU A 81 10.53 -19.00 2.60
CA LEU A 81 10.95 -20.17 3.41
C LEU A 81 12.08 -20.92 2.67
N LYS A 82 12.08 -20.88 1.34
CA LYS A 82 13.15 -21.53 0.50
C LYS A 82 14.47 -20.77 0.69
N LYS A 83 14.42 -19.43 0.55
CA LYS A 83 15.60 -18.55 0.71
C LYS A 83 16.18 -18.71 2.12
N ILE A 84 15.37 -18.80 3.17
CA ILE A 84 15.85 -19.01 4.56
C ILE A 84 16.53 -20.39 4.73
N LYS A 85 15.90 -21.44 4.20
CA LYS A 85 16.39 -22.84 4.31
C LYS A 85 17.73 -22.91 3.59
N GLU A 86 17.88 -22.18 2.51
CA GLU A 86 19.11 -22.16 1.67
C GLU A 86 20.25 -21.48 2.44
N LYS A 87 19.94 -20.47 3.26
CA LYS A 87 20.97 -19.68 4.00
C LYS A 87 21.28 -20.36 5.32
N ASP A 88 20.43 -21.26 5.83
CA ASP A 88 20.65 -21.93 7.14
C ASP A 88 20.48 -23.44 6.94
N LYS A 89 21.26 -24.05 6.05
CA LYS A 89 20.96 -25.45 5.62
C LYS A 89 20.90 -26.39 6.84
N GLU A 90 21.70 -26.12 7.88
CA GLU A 90 21.86 -26.95 9.10
C GLU A 90 20.92 -26.54 10.27
N ASN A 91 19.96 -25.62 10.06
CA ASN A 91 19.03 -25.06 11.09
C ASN A 91 19.73 -24.72 12.42
N LYS A 92 20.68 -23.78 12.41
CA LYS A 92 21.25 -23.25 13.68
C LYS A 92 20.43 -22.02 14.14
N PHE A 93 19.63 -21.40 13.28
CA PHE A 93 19.09 -20.05 13.55
C PHE A 93 17.59 -20.09 13.92
N LEU A 94 17.01 -21.24 14.25
CA LEU A 94 15.81 -21.32 15.12
C LEU A 94 14.59 -20.79 14.38
N CYS A 95 14.57 -20.86 13.06
CA CYS A 95 13.35 -20.60 12.26
C CYS A 95 12.63 -21.93 12.05
N VAL A 96 11.32 -21.90 11.94
CA VAL A 96 10.57 -23.13 11.57
C VAL A 96 11.15 -23.75 10.29
N LEU A 97 11.27 -25.07 10.28
CA LEU A 97 11.85 -25.75 9.10
C LEU A 97 10.70 -26.24 8.21
N MET A 98 10.49 -25.61 7.05
CA MET A 98 9.62 -26.16 5.95
C MET A 98 10.26 -27.46 5.43
N SER A 99 9.60 -28.58 5.61
CA SER A 99 10.08 -29.92 5.22
C SER A 99 9.67 -30.24 3.79
N ASP A 100 8.56 -29.66 3.29
CA ASP A 100 8.07 -29.98 1.95
C ASP A 100 7.03 -28.95 1.53
N TRP A 101 6.83 -28.78 0.23
CA TRP A 101 5.68 -28.02 -0.27
C TRP A 101 5.23 -28.68 -1.56
N PHE A 102 3.96 -28.52 -1.92
CA PHE A 102 3.44 -29.13 -3.16
C PHE A 102 2.13 -28.46 -3.50
N ASN A 103 1.77 -28.58 -4.76
CA ASN A 103 0.45 -28.09 -5.23
C ASN A 103 -0.48 -29.31 -5.32
N PHE A 104 -1.51 -29.40 -4.47
CA PHE A 104 -2.44 -30.54 -4.41
C PHE A 104 -3.75 -30.10 -5.06
N HIS A 105 -3.92 -30.36 -6.37
CA HIS A 105 -5.15 -29.98 -7.14
C HIS A 105 -5.51 -28.51 -6.95
N GLY A 106 -4.55 -27.60 -6.98
CA GLY A 106 -4.84 -26.16 -6.83
C GLY A 106 -4.61 -25.66 -5.40
N HIS A 107 -4.56 -26.57 -4.44
CA HIS A 107 -4.25 -26.21 -3.03
C HIS A 107 -2.74 -26.18 -2.85
N MET A 108 -2.21 -25.02 -2.52
CA MET A 108 -0.81 -25.00 -2.04
C MET A 108 -0.75 -25.65 -0.67
N CYS A 109 0.19 -26.55 -0.49
CA CYS A 109 0.41 -27.24 0.78
C CYS A 109 1.85 -27.01 1.25
N ILE A 110 1.98 -26.72 2.52
CA ILE A 110 3.29 -26.42 3.17
C ILE A 110 3.40 -27.25 4.43
N ALA A 111 4.41 -28.09 4.49
CA ALA A 111 4.68 -28.98 5.66
C ALA A 111 5.78 -28.36 6.53
N PHE A 112 5.59 -28.41 7.85
CA PHE A 112 6.59 -28.05 8.88
C PHE A 112 6.73 -29.19 9.89
N GLU A 113 7.91 -29.33 10.47
CA GLU A 113 8.11 -30.32 11.55
C GLU A 113 7.24 -29.93 12.72
N LEU A 114 6.56 -30.88 13.36
CA LEU A 114 5.53 -30.56 14.38
C LEU A 114 6.26 -30.08 15.64
N LEU A 115 5.83 -28.97 16.22
CA LEU A 115 6.36 -28.38 17.47
C LEU A 115 5.28 -28.38 18.53
N GLY A 116 5.58 -27.87 19.72
CA GLY A 116 4.58 -27.73 20.79
C GLY A 116 3.76 -26.42 20.71
N LYS A 117 3.19 -26.07 21.86
CA LYS A 117 2.29 -24.91 22.00
CA LYS A 117 2.29 -24.91 22.00
C LYS A 117 3.06 -23.62 21.73
N ASN A 118 2.36 -22.61 21.28
CA ASN A 118 3.02 -21.29 21.13
C ASN A 118 3.13 -20.62 22.50
N THR A 119 3.95 -19.55 22.58
CA THR A 119 4.26 -18.95 23.89
C THR A 119 3.04 -18.20 24.48
N PHE A 120 2.08 -17.83 23.65
CA PHE A 120 0.85 -17.19 24.17
C PHE A 120 -0.03 -18.26 24.80
N GLU A 121 -0.24 -19.34 24.07
CA GLU A 121 -1.07 -20.49 24.54
C GLU A 121 -0.53 -21.01 25.88
N PHE A 122 0.78 -21.13 26.03
CA PHE A 122 1.37 -21.61 27.30
C PHE A 122 1.06 -20.64 28.44
N LEU A 123 1.22 -19.31 28.18
CA LEU A 123 0.94 -18.27 29.19
C LEU A 123 -0.52 -18.34 29.63
N LYS A 124 -1.41 -18.40 28.64
CA LYS A 124 -2.89 -18.49 28.82
C LYS A 124 -3.23 -19.70 29.73
N GLU A 125 -2.60 -20.83 29.45
CA GLU A 125 -2.84 -22.09 30.21
CA GLU A 125 -2.81 -22.11 30.20
C GLU A 125 -2.20 -22.02 31.60
N ASN A 126 -1.32 -21.05 31.86
CA ASN A 126 -0.73 -20.76 33.18
C ASN A 126 -1.50 -19.61 33.83
N ASN A 127 -2.73 -19.34 33.41
CA ASN A 127 -3.57 -18.27 34.01
CA ASN A 127 -3.58 -18.26 34.00
C ASN A 127 -2.86 -16.90 33.89
N PHE A 128 -2.07 -16.70 32.83
CA PHE A 128 -1.34 -15.46 32.48
C PHE A 128 -0.35 -15.12 33.60
N GLN A 129 0.01 -16.09 34.44
CA GLN A 129 1.17 -15.92 35.35
CA GLN A 129 1.17 -15.92 35.35
C GLN A 129 2.43 -15.88 34.49
N PRO A 130 3.28 -14.86 34.67
CA PRO A 130 4.43 -14.69 33.77
C PRO A 130 5.51 -15.75 33.86
N TYR A 131 6.31 -15.80 32.82
CA TYR A 131 7.52 -16.65 32.74
C TYR A 131 8.52 -16.11 33.76
N PRO A 132 9.21 -17.02 34.48
CA PRO A 132 10.24 -16.58 35.42
C PRO A 132 11.39 -15.92 34.63
N LEU A 133 12.13 -15.03 35.26
CA LEU A 133 13.18 -14.24 34.58
CA LEU A 133 13.17 -14.24 34.57
C LEU A 133 14.16 -15.13 33.82
N PRO A 134 14.64 -16.28 34.34
CA PRO A 134 15.58 -17.10 33.58
C PRO A 134 15.01 -17.60 32.24
N HIS A 135 13.70 -17.84 32.22
CA HIS A 135 12.99 -18.30 31.00
C HIS A 135 12.88 -17.12 30.03
N VAL A 136 12.51 -15.96 30.53
CA VAL A 136 12.48 -14.70 29.69
C VAL A 136 13.85 -14.51 29.09
N ARG A 137 14.92 -14.72 29.86
CA ARG A 137 16.29 -14.45 29.39
C ARG A 137 16.65 -15.42 28.25
N HIS A 138 16.40 -16.70 28.40
CA HIS A 138 16.75 -17.72 27.40
C HIS A 138 15.89 -17.50 26.14
N MET A 139 14.60 -17.21 26.30
CA MET A 139 13.72 -16.92 25.14
CA MET A 139 13.71 -16.91 25.15
C MET A 139 14.19 -15.64 24.44
N ALA A 140 14.52 -14.58 25.17
CA ALA A 140 15.02 -13.32 24.59
C ALA A 140 16.29 -13.62 23.76
N TYR A 141 17.19 -14.39 24.32
CA TYR A 141 18.45 -14.71 23.65
C TYR A 141 18.17 -15.42 22.30
N GLN A 142 17.29 -16.41 22.30
CA GLN A 142 16.95 -17.17 21.08
C GLN A 142 16.29 -16.25 20.05
N LEU A 143 15.39 -15.37 20.48
CA LEU A 143 14.76 -14.40 19.54
C LEU A 143 15.82 -13.47 18.90
N CYS A 144 16.74 -12.91 19.67
CA CYS A 144 17.82 -12.05 19.17
C CYS A 144 18.66 -12.84 18.17
N HIS A 145 19.03 -14.09 18.48
CA HIS A 145 19.87 -14.94 17.61
C HIS A 145 19.16 -15.22 16.27
N ALA A 146 17.91 -15.63 16.33
CA ALA A 146 17.09 -15.98 15.16
C ALA A 146 16.91 -14.76 14.28
N LEU A 147 16.45 -13.63 14.83
CA LEU A 147 16.19 -12.46 13.98
C LEU A 147 17.50 -11.79 13.54
N ARG A 148 18.61 -11.88 14.28
CA ARG A 148 19.88 -11.28 13.83
C ARG A 148 20.23 -11.94 12.51
N PHE A 149 20.09 -13.25 12.44
CA PHE A 149 20.46 -13.98 11.19
CA PHE A 149 20.36 -14.09 11.22
C PHE A 149 19.56 -13.54 10.02
N LEU A 150 18.26 -13.40 10.24
CA LEU A 150 17.35 -12.91 9.15
C LEU A 150 17.75 -11.50 8.78
N HIS A 151 17.99 -10.61 9.76
CA HIS A 151 18.31 -9.20 9.49
C HIS A 151 19.59 -9.10 8.68
N GLU A 152 20.61 -9.91 8.98
CA GLU A 152 21.91 -9.83 8.26
C GLU A 152 21.80 -10.47 6.88
N ASN A 153 20.69 -11.12 6.53
CA ASN A 153 20.30 -11.61 5.20
C ASN A 153 19.16 -10.74 4.58
N GLN A 154 19.12 -9.47 4.92
CA GLN A 154 18.31 -8.43 4.23
C GLN A 154 16.83 -8.76 4.38
N LEU A 155 16.39 -9.42 5.46
CA LEU A 155 14.96 -9.80 5.64
C LEU A 155 14.44 -9.22 6.95
N THR A 156 13.19 -8.80 6.98
CA THR A 156 12.45 -8.32 8.16
C THR A 156 11.21 -9.21 8.28
N HIS A 157 10.90 -9.71 9.48
CA HIS A 157 9.77 -10.65 9.67
C HIS A 157 8.45 -9.85 9.58
N THR A 158 8.39 -8.73 10.32
CA THR A 158 7.27 -7.75 10.39
C THR A 158 6.10 -8.21 11.24
N ASP A 159 5.97 -9.46 11.64
CA ASP A 159 4.77 -9.87 12.41
C ASP A 159 5.12 -10.75 13.61
N LEU A 160 6.16 -10.36 14.36
CA LEU A 160 6.57 -11.10 15.56
C LEU A 160 5.55 -10.84 16.67
N LYS A 161 5.12 -11.89 17.32
CA LYS A 161 4.12 -11.82 18.41
C LYS A 161 4.18 -13.18 19.10
N PRO A 162 3.76 -13.26 20.35
CA PRO A 162 3.94 -14.49 21.14
C PRO A 162 3.29 -15.70 20.44
N GLU A 163 2.20 -15.52 19.68
CA GLU A 163 1.47 -16.61 18.99
CA GLU A 163 1.52 -16.67 19.05
C GLU A 163 2.35 -17.25 17.89
N ASN A 164 3.33 -16.53 17.32
CA ASN A 164 4.22 -16.96 16.23
C ASN A 164 5.55 -17.50 16.78
N ILE A 165 5.68 -17.62 18.10
CA ILE A 165 6.91 -18.18 18.71
CA ILE A 165 6.90 -18.16 18.74
C ILE A 165 6.48 -19.49 19.39
N LEU A 166 7.04 -20.61 18.96
CA LEU A 166 6.56 -21.96 19.34
C LEU A 166 7.66 -22.64 20.18
N PHE A 167 7.25 -23.27 21.28
CA PHE A 167 8.13 -24.18 22.05
C PHE A 167 8.36 -25.43 21.21
N VAL A 168 9.61 -25.87 21.16
CA VAL A 168 9.97 -27.18 20.54
C VAL A 168 9.16 -28.25 21.27
N ASN A 169 9.06 -28.15 22.59
CA ASN A 169 8.23 -29.08 23.41
C ASN A 169 7.68 -28.28 24.59
N SER A 170 6.36 -28.24 24.76
CA SER A 170 5.72 -27.36 25.77
C SER A 170 5.34 -28.16 27.04
N GLU A 171 5.88 -29.35 27.23
CA GLU A 171 5.64 -30.13 28.49
C GLU A 171 6.15 -29.31 29.68
N PHE A 172 5.38 -29.32 30.78
CA PHE A 172 5.70 -28.49 31.96
C PHE A 172 5.79 -29.33 33.24
N GLU A 173 6.38 -28.72 34.27
CA GLU A 173 6.31 -29.24 35.65
C GLU A 173 5.50 -28.23 36.46
N THR A 174 4.83 -28.69 37.51
CA THR A 174 3.97 -27.86 38.39
C THR A 174 4.76 -27.58 39.66
N LEU A 175 5.26 -26.36 39.82
CA LEU A 175 5.96 -25.90 41.05
C LEU A 175 4.96 -25.07 41.88
N TYR A 176 5.15 -25.05 43.20
CA TYR A 176 4.35 -24.22 44.14
C TYR A 176 5.18 -22.96 44.48
N ASN A 177 4.56 -21.80 44.31
CA ASN A 177 5.18 -20.47 44.56
C ASN A 177 4.95 -20.09 46.02
N GLU A 178 6.00 -19.94 46.81
CA GLU A 178 5.93 -19.44 48.22
C GLU A 178 5.22 -18.09 48.24
N HIS A 179 5.64 -17.15 47.38
CA HIS A 179 5.18 -15.73 47.33
C HIS A 179 3.73 -15.60 46.87
N LYS A 180 3.28 -16.42 45.90
CA LYS A 180 1.90 -16.36 45.33
C LYS A 180 0.96 -17.29 46.13
N SER A 181 1.52 -18.14 47.01
CA SER A 181 0.79 -19.16 47.83
C SER A 181 -0.06 -20.09 46.96
N CYS A 182 0.31 -20.26 45.68
CA CYS A 182 -0.51 -20.96 44.65
C CYS A 182 0.40 -21.39 43.48
N GLU A 183 -0.05 -22.37 42.67
CA GLU A 183 0.85 -23.19 41.81
C GLU A 183 0.97 -22.58 40.41
N GLU A 184 2.10 -22.86 39.80
CA GLU A 184 2.57 -22.26 38.53
C GLU A 184 3.04 -23.41 37.65
N LYS A 185 2.78 -23.31 36.36
CA LYS A 185 3.34 -24.25 35.37
CA LYS A 185 3.33 -24.25 35.37
C LYS A 185 4.65 -23.65 34.88
N SER A 186 5.67 -24.48 34.82
CA SER A 186 7.04 -24.07 34.45
C SER A 186 7.47 -24.96 33.29
N VAL A 187 7.73 -24.41 32.09
CA VAL A 187 8.03 -25.27 30.92
C VAL A 187 9.37 -25.98 31.23
N LYS A 188 9.49 -27.26 30.84
CA LYS A 188 10.69 -28.07 31.21
C LYS A 188 11.83 -27.69 30.30
N ASN A 189 11.50 -27.25 29.09
CA ASN A 189 12.53 -26.84 28.10
C ASN A 189 12.07 -25.54 27.38
N THR A 190 12.90 -24.49 27.44
CA THR A 190 12.58 -23.12 26.95
C THR A 190 13.08 -22.95 25.52
N SER A 191 13.47 -24.02 24.82
CA SER A 191 13.88 -23.95 23.38
CA SER A 191 13.86 -24.00 23.38
C SER A 191 12.66 -23.52 22.54
N ILE A 192 12.87 -22.50 21.70
CA ILE A 192 11.77 -21.94 20.86
C ILE A 192 12.17 -21.90 19.39
N ARG A 193 11.18 -21.71 18.54
CA ARG A 193 11.37 -21.49 17.10
C ARG A 193 10.45 -20.32 16.68
N VAL A 194 10.87 -19.60 15.64
CA VAL A 194 10.13 -18.45 15.07
C VAL A 194 9.37 -18.97 13.85
N ALA A 195 8.06 -18.73 13.82
CA ALA A 195 7.17 -19.18 12.72
C ALA A 195 6.58 -17.97 11.94
N ASP A 196 5.86 -18.28 10.85
CA ASP A 196 4.91 -17.38 10.14
C ASP A 196 5.70 -16.35 9.34
N PHE A 197 6.26 -16.74 8.21
CA PHE A 197 7.04 -15.83 7.33
C PHE A 197 6.21 -15.28 6.17
N GLY A 198 4.88 -15.33 6.26
CA GLY A 198 3.96 -14.92 5.19
C GLY A 198 3.97 -13.39 4.99
N SER A 199 4.56 -12.64 5.91
CA SER A 199 4.63 -11.15 5.77
C SER A 199 6.09 -10.67 5.62
N ALA A 200 7.05 -11.59 5.64
CA ALA A 200 8.48 -11.23 5.70
C ALA A 200 8.86 -10.56 4.38
N THR A 201 9.63 -9.49 4.46
CA THR A 201 9.93 -8.56 3.38
C THR A 201 11.44 -8.43 3.25
N PHE A 202 11.98 -8.62 2.04
CA PHE A 202 13.40 -8.33 1.76
C PHE A 202 13.61 -6.83 1.58
N ASP A 203 14.85 -6.38 1.82
CA ASP A 203 15.19 -4.94 1.72
C ASP A 203 14.75 -4.32 0.40
N HIS A 204 14.95 -5.03 -0.70
CA HIS A 204 14.75 -4.47 -2.07
C HIS A 204 13.27 -4.48 -2.48
N GLU A 205 12.42 -5.22 -1.75
CA GLU A 205 11.00 -5.45 -2.15
C GLU A 205 10.12 -4.29 -1.71
N HIS A 206 8.93 -4.22 -2.30
CA HIS A 206 7.90 -3.27 -1.88
C HIS A 206 7.52 -3.50 -0.40
N HIS A 207 7.53 -2.44 0.37
CA HIS A 207 7.16 -2.47 1.82
C HIS A 207 5.70 -2.03 1.99
N THR A 208 4.82 -2.93 2.42
CA THR A 208 3.43 -2.62 2.82
CA THR A 208 3.43 -2.48 2.67
C THR A 208 3.46 -1.49 3.84
N THR A 209 2.48 -0.62 3.87
CA THR A 209 2.49 0.50 4.82
C THR A 209 2.27 0.06 6.25
N ILE A 210 1.22 -0.66 6.51
CA ILE A 210 0.92 -1.07 7.90
C ILE A 210 1.30 -2.55 8.05
N VAL A 211 2.27 -2.79 8.91
CA VAL A 211 2.75 -4.13 9.29
C VAL A 211 2.62 -4.29 10.80
N ALA A 212 2.80 -5.55 11.25
CA ALA A 212 2.80 -6.01 12.65
C ALA A 212 1.39 -5.95 13.23
N THR A 213 1.15 -6.78 14.23
CA THR A 213 -0.10 -6.78 14.98
C THR A 213 -0.05 -5.55 15.91
N ARG A 214 -1.20 -4.94 16.19
CA ARG A 214 -1.30 -3.68 16.96
C ARG A 214 -0.30 -3.64 18.14
N HIS A 215 -0.32 -4.60 19.06
CA HIS A 215 0.41 -4.48 20.34
C HIS A 215 1.92 -4.41 20.10
N TYR A 216 2.40 -4.91 18.97
CA TYR A 216 3.84 -5.14 18.65
C TYR A 216 4.34 -4.15 17.58
N ARG A 217 3.50 -3.20 17.21
CA ARG A 217 3.74 -2.28 16.09
C ARG A 217 4.50 -1.05 16.55
N PRO A 218 5.59 -0.68 15.88
CA PRO A 218 6.47 0.42 16.29
C PRO A 218 5.92 1.79 15.86
N PRO A 219 6.42 2.88 16.48
CA PRO A 219 5.95 4.23 16.11
C PRO A 219 6.25 4.67 14.67
N GLU A 220 7.32 4.19 14.03
CA GLU A 220 7.64 4.57 12.62
C GLU A 220 6.60 3.98 11.68
N VAL A 221 6.00 2.84 12.03
CA VAL A 221 4.88 2.27 11.24
C VAL A 221 3.64 3.13 11.45
N ILE A 222 3.26 3.40 12.67
CA ILE A 222 2.05 4.18 12.98
C ILE A 222 2.13 5.56 12.26
N LEU A 223 3.30 6.20 12.35
CA LEU A 223 3.48 7.54 11.74
C LEU A 223 3.84 7.48 10.26
N GLU A 224 3.96 6.29 9.67
CA GLU A 224 4.23 6.08 8.23
C GLU A 224 5.51 6.77 7.78
N LEU A 225 6.61 6.52 8.48
CA LEU A 225 7.92 7.17 8.28
C LEU A 225 8.85 6.23 7.49
N GLY A 226 8.39 5.06 7.12
CA GLY A 226 9.27 4.00 6.58
C GLY A 226 9.68 3.01 7.67
N TRP A 227 9.89 1.74 7.35
CA TRP A 227 10.29 0.73 8.35
C TRP A 227 11.27 -0.21 7.71
N ALA A 228 12.03 -0.88 8.55
CA ALA A 228 12.98 -1.93 8.16
C ALA A 228 13.21 -2.85 9.33
N GLN A 229 14.40 -3.45 9.43
CA GLN A 229 14.71 -4.41 10.48
C GLN A 229 14.35 -3.86 11.86
N PRO A 230 14.57 -2.58 12.18
CA PRO A 230 14.26 -2.13 13.54
C PRO A 230 12.81 -2.39 14.00
N CYS A 231 11.88 -2.52 13.06
CA CYS A 231 10.45 -2.84 13.34
C CYS A 231 10.43 -4.14 14.20
N ASP A 232 11.22 -5.13 13.83
CA ASP A 232 11.25 -6.45 14.54
C ASP A 232 11.83 -6.29 15.95
N VAL A 233 12.76 -5.35 16.13
CA VAL A 233 13.39 -5.10 17.42
C VAL A 233 12.36 -4.53 18.41
N TRP A 234 11.56 -3.61 17.96
CA TRP A 234 10.45 -3.04 18.77
C TRP A 234 9.50 -4.19 19.16
N SER A 235 9.14 -5.03 18.21
CA SER A 235 8.19 -6.12 18.48
C SER A 235 8.79 -7.03 19.57
N ILE A 236 10.08 -7.37 19.41
CA ILE A 236 10.72 -8.22 20.45
C ILE A 236 10.64 -7.52 21.82
N GLY A 237 10.95 -6.24 21.94
CA GLY A 237 10.85 -5.57 23.26
C GLY A 237 9.47 -5.67 23.85
N CYS A 238 8.41 -5.54 23.03
CA CYS A 238 7.00 -5.70 23.51
C CYS A 238 6.76 -7.11 23.97
N ILE A 239 7.25 -8.08 23.23
CA ILE A 239 7.10 -9.53 23.56
C ILE A 239 7.78 -9.83 24.88
N LEU A 240 8.98 -9.32 25.10
CA LEU A 240 9.70 -9.59 26.38
C LEU A 240 8.93 -9.05 27.56
N PHE A 241 8.36 -7.86 27.42
CA PHE A 241 7.58 -7.24 28.50
C PHE A 241 6.45 -8.19 28.86
N GLU A 242 5.76 -8.65 27.83
CA GLU A 242 4.59 -9.55 27.95
C GLU A 242 4.97 -10.91 28.57
N TYR A 243 6.12 -11.47 28.22
CA TYR A 243 6.57 -12.72 28.89
C TYR A 243 6.83 -12.45 30.39
N TYR A 244 7.33 -11.26 30.71
CA TYR A 244 7.79 -10.92 32.06
C TYR A 244 6.63 -10.56 33.00
N ARG A 245 5.56 -9.93 32.51
CA ARG A 245 4.42 -9.50 33.31
C ARG A 245 3.18 -10.38 33.01
N GLY A 246 3.07 -10.97 31.82
CA GLY A 246 1.90 -11.79 31.44
C GLY A 246 0.80 -10.97 30.79
N PHE A 247 0.96 -9.67 30.66
CA PHE A 247 -0.04 -8.77 29.98
C PHE A 247 0.72 -7.89 28.97
N THR A 248 0.01 -7.38 27.98
CA THR A 248 0.61 -6.59 26.89
C THR A 248 1.06 -5.22 27.41
N LEU A 249 2.15 -4.71 26.88
CA LEU A 249 2.64 -3.36 27.20
C LEU A 249 1.65 -2.30 26.69
N PHE A 250 1.14 -2.46 25.47
CA PHE A 250 0.27 -1.44 24.85
C PHE A 250 -1.14 -2.03 24.63
N GLN A 251 -2.05 -1.82 25.59
CA GLN A 251 -3.43 -2.33 25.52
C GLN A 251 -4.33 -1.24 24.97
N THR A 252 -4.32 -1.13 23.64
CA THR A 252 -4.97 -0.06 22.87
C THR A 252 -5.39 -0.61 21.49
N HIS A 253 -6.34 0.00 20.83
CA HIS A 253 -6.66 -0.32 19.41
C HIS A 253 -6.77 0.97 18.58
N GLU A 254 -6.11 2.07 18.98
CA GLU A 254 -6.20 3.31 18.17
C GLU A 254 -4.84 4.03 18.20
N ASN A 255 -4.48 4.59 17.07
CA ASN A 255 -3.12 5.13 16.83
C ASN A 255 -2.78 6.30 17.79
N ARG A 256 -3.66 7.27 17.94
CA ARG A 256 -3.32 8.47 18.79
C ARG A 256 -3.10 8.01 20.24
N GLU A 257 -4.03 7.23 20.76
CA GLU A 257 -3.93 6.66 22.13
C GLU A 257 -2.65 5.84 22.27
N HIS A 258 -2.32 5.05 21.26
CA HIS A 258 -1.11 4.20 21.28
C HIS A 258 0.14 5.08 21.42
N LEU A 259 0.22 6.18 20.66
CA LEU A 259 1.40 7.10 20.73
C LEU A 259 1.45 7.77 22.12
N VAL A 260 0.31 8.15 22.67
CA VAL A 260 0.23 8.75 24.02
C VAL A 260 0.79 7.73 25.03
N MET A 261 0.38 6.47 24.95
CA MET A 261 0.83 5.46 25.89
C MET A 261 2.34 5.30 25.73
N MET A 262 2.83 5.33 24.49
CA MET A 262 4.29 5.24 24.29
C MET A 262 4.99 6.40 25.04
N GLU A 263 4.44 7.62 24.96
CA GLU A 263 5.06 8.78 25.68
C GLU A 263 5.00 8.54 27.20
N LYS A 264 3.86 8.12 27.74
CA LYS A 264 3.72 7.91 29.21
C LYS A 264 4.73 6.87 29.70
N ILE A 265 5.01 5.86 28.90
CA ILE A 265 5.86 4.72 29.32
C ILE A 265 7.34 4.96 28.99
N LEU A 266 7.62 5.66 27.90
CA LEU A 266 8.95 5.69 27.32
C LEU A 266 9.53 7.09 27.24
N GLY A 267 8.74 8.14 27.44
CA GLY A 267 9.26 9.50 27.26
C GLY A 267 8.82 10.12 25.94
N PRO A 268 9.27 11.35 25.62
CA PRO A 268 8.80 12.05 24.45
C PRO A 268 9.23 11.42 23.13
N ILE A 269 8.35 11.49 22.12
CA ILE A 269 8.71 11.14 20.71
C ILE A 269 9.71 12.20 20.25
N PRO A 270 10.80 11.80 19.60
CA PRO A 270 11.73 12.75 18.97
C PRO A 270 11.07 13.72 18.00
N SER A 271 11.47 15.00 18.06
CA SER A 271 10.73 16.05 17.32
C SER A 271 10.86 15.81 15.81
N HIS A 272 11.93 15.27 15.30
CA HIS A 272 12.08 15.06 13.84
C HIS A 272 11.06 14.04 13.32
N MET A 273 10.65 13.08 14.15
CA MET A 273 9.63 12.08 13.71
C MET A 273 8.27 12.78 13.62
N ILE A 274 7.96 13.63 14.59
CA ILE A 274 6.72 14.44 14.56
C ILE A 274 6.74 15.35 13.33
N HIS A 275 7.86 15.99 13.04
CA HIS A 275 7.91 16.97 11.93
CA HIS A 275 7.90 16.98 11.93
C HIS A 275 7.66 16.26 10.60
N ARG A 276 8.14 15.02 10.46
CA ARG A 276 8.16 14.36 9.15
C ARG A 276 6.82 13.70 8.84
N THR A 277 6.06 13.26 9.85
CA THR A 277 4.84 12.45 9.58
C THR A 277 3.80 13.23 8.80
N ARG A 278 3.04 12.52 7.95
CA ARG A 278 1.81 13.08 7.36
C ARG A 278 0.72 13.27 8.39
N LYS A 279 0.77 12.54 9.52
CA LYS A 279 -0.32 12.47 10.54
C LYS A 279 -0.26 13.72 11.48
N GLN A 280 -0.24 14.90 10.88
CA GLN A 280 -0.11 16.16 11.65
C GLN A 280 -1.34 16.37 12.57
N LYS A 281 -2.49 15.81 12.21
CA LYS A 281 -3.75 15.94 12.98
C LYS A 281 -3.56 15.38 14.41
N TYR A 282 -2.58 14.52 14.68
CA TYR A 282 -2.33 13.95 16.02
C TYR A 282 -1.64 14.97 16.94
N PHE A 283 -1.15 16.08 16.39
CA PHE A 283 -0.20 16.98 17.11
C PHE A 283 -0.72 18.41 17.07
N TYR A 284 -0.32 19.18 18.09
CA TYR A 284 -0.60 20.66 18.16
C TYR A 284 0.61 21.33 18.76
N LYS A 285 1.23 22.28 18.03
CA LYS A 285 2.49 22.93 18.42
C LYS A 285 3.48 21.86 18.86
N GLY A 286 3.54 20.75 18.12
CA GLY A 286 4.56 19.72 18.34
C GLY A 286 4.23 18.70 19.44
N GLY A 287 3.10 18.82 20.13
CA GLY A 287 2.75 17.90 21.23
C GLY A 287 1.56 17.00 20.80
N LEU A 288 1.44 15.80 21.32
CA LEU A 288 0.23 14.98 21.10
C LEU A 288 -1.02 15.64 21.64
N VAL A 289 -2.06 15.58 20.86
CA VAL A 289 -3.41 16.03 21.25
C VAL A 289 -4.01 14.90 22.11
N TRP A 290 -4.31 15.23 23.39
CA TRP A 290 -4.84 14.20 24.30
C TRP A 290 -5.56 14.88 25.47
N ASP A 291 -6.79 14.51 25.71
CA ASP A 291 -7.58 14.96 26.90
C ASP A 291 -7.28 14.07 28.09
N GLU A 292 -6.49 14.56 29.06
CA GLU A 292 -6.13 13.79 30.26
C GLU A 292 -7.38 13.51 31.12
N ASN A 293 -8.46 14.29 30.94
CA ASN A 293 -9.63 14.23 31.86
C ASN A 293 -10.75 13.33 31.30
N SER A 294 -10.74 12.90 30.03
CA SER A 294 -11.79 12.02 29.45
C SER A 294 -11.74 10.63 30.11
N SER A 295 -12.67 9.74 29.80
CA SER A 295 -12.63 8.39 30.41
CA SER A 295 -12.65 8.36 30.36
CA SER A 295 -12.65 8.37 30.37
C SER A 295 -11.36 7.65 29.93
N ASP A 296 -10.99 7.77 28.66
CA ASP A 296 -9.72 7.16 28.19
C ASP A 296 -8.52 7.85 28.85
N GLY A 297 -8.58 9.18 29.05
CA GLY A 297 -7.46 9.91 29.69
C GLY A 297 -7.24 9.40 31.11
N ARG A 298 -8.33 9.17 31.85
CA ARG A 298 -8.23 8.68 33.26
C ARG A 298 -7.67 7.25 33.26
N TYR A 299 -8.09 6.42 32.31
CA TYR A 299 -7.59 5.03 32.20
C TYR A 299 -6.09 5.02 31.94
N VAL A 300 -5.66 5.80 30.98
CA VAL A 300 -4.22 5.85 30.58
C VAL A 300 -3.41 6.41 31.75
N LYS A 301 -3.91 7.44 32.42
CA LYS A 301 -3.12 8.06 33.52
C LYS A 301 -2.91 7.02 34.64
N GLU A 302 -3.92 6.22 34.96
CA GLU A 302 -3.89 5.27 36.07
C GLU A 302 -3.05 4.08 35.67
N ASN A 303 -3.06 3.67 34.41
CA ASN A 303 -2.56 2.33 34.00
C ASN A 303 -1.22 2.43 33.29
N CYS A 304 -0.82 3.55 32.68
CA CYS A 304 0.39 3.58 31.82
C CYS A 304 1.46 4.44 32.51
N LYS A 305 2.42 3.76 33.11
CA LYS A 305 3.45 4.34 34.00
CA LYS A 305 3.45 4.34 34.00
C LYS A 305 4.80 4.18 33.31
N PRO A 306 5.83 4.88 33.77
CA PRO A 306 7.17 4.72 33.23
C PRO A 306 7.62 3.28 33.25
N LEU A 307 8.29 2.86 32.17
CA LEU A 307 8.67 1.44 31.98
C LEU A 307 9.28 0.83 33.27
N LYS A 308 10.17 1.52 33.93
CA LYS A 308 10.90 0.92 35.10
C LYS A 308 9.96 0.59 36.25
N SER A 309 8.81 1.23 36.34
CA SER A 309 7.80 0.98 37.37
C SER A 309 7.27 -0.45 37.29
N TYR A 310 7.46 -1.18 36.16
CA TYR A 310 6.89 -2.53 35.96
C TYR A 310 7.83 -3.62 36.46
N MET A 311 9.04 -3.25 36.92
CA MET A 311 9.96 -4.26 37.47
CA MET A 311 9.97 -4.27 37.46
C MET A 311 9.29 -5.00 38.64
N LEU A 312 9.42 -6.31 38.71
CA LEU A 312 8.82 -7.10 39.81
C LEU A 312 9.86 -7.21 40.98
N GLN A 313 11.15 -7.09 40.68
CA GLN A 313 12.27 -7.20 41.67
C GLN A 313 13.31 -6.16 41.29
N ASP A 314 14.17 -5.74 42.20
CA ASP A 314 15.16 -4.70 41.82
C ASP A 314 16.59 -5.21 41.92
N SER A 315 16.80 -6.52 41.76
CA SER A 315 18.15 -7.09 41.61
C SER A 315 18.70 -6.68 40.24
N LEU A 316 19.99 -6.83 40.08
CA LEU A 316 20.65 -6.42 38.84
C LEU A 316 20.11 -7.19 37.65
N GLU A 317 19.80 -8.49 37.76
CA GLU A 317 19.34 -9.16 36.51
C GLU A 317 18.02 -8.52 36.02
N HIS A 318 17.17 -8.04 36.91
CA HIS A 318 15.90 -7.35 36.53
C HIS A 318 16.27 -6.00 35.92
N VAL A 319 17.25 -5.31 36.49
CA VAL A 319 17.70 -3.99 35.94
C VAL A 319 18.21 -4.22 34.52
N GLN A 320 18.95 -5.30 34.31
CA GLN A 320 19.52 -5.55 32.98
C GLN A 320 18.42 -5.88 31.95
N LEU A 321 17.42 -6.67 32.33
CA LEU A 321 16.29 -6.92 31.38
C LEU A 321 15.64 -5.59 30.99
N PHE A 322 15.40 -4.74 31.98
CA PHE A 322 14.69 -3.47 31.71
C PHE A 322 15.54 -2.53 30.87
N ASP A 323 16.87 -2.53 31.04
CA ASP A 323 17.76 -1.69 30.22
C ASP A 323 17.67 -2.22 28.78
N LEU A 324 17.77 -3.52 28.57
CA LEU A 324 17.71 -4.07 27.20
C LEU A 324 16.33 -3.74 26.58
N MET A 325 15.26 -3.91 27.31
CA MET A 325 13.90 -3.63 26.77
CA MET A 325 13.89 -3.62 26.77
C MET A 325 13.80 -2.13 26.41
N ARG A 326 14.34 -1.23 27.24
CA ARG A 326 14.35 0.21 26.93
C ARG A 326 15.10 0.51 25.62
N ARG A 327 16.22 -0.19 25.37
CA ARG A 327 16.99 -0.02 24.14
C ARG A 327 16.24 -0.58 22.92
N MET A 328 15.51 -1.68 23.11
CA MET A 328 14.66 -2.24 22.00
C MET A 328 13.48 -1.29 21.69
N LEU A 329 13.03 -0.49 22.64
CA LEU A 329 11.84 0.36 22.55
C LEU A 329 12.25 1.82 22.34
N GLU A 330 13.41 2.09 21.74
CA GLU A 330 13.82 3.45 21.38
C GLU A 330 12.84 3.92 20.27
N PHE A 331 12.32 5.12 20.39
CA PHE A 331 11.36 5.65 19.37
C PHE A 331 12.02 5.72 18.01
N ASP A 332 13.22 6.27 17.95
CA ASP A 332 13.89 6.53 16.67
C ASP A 332 14.47 5.21 16.18
N PRO A 333 13.96 4.63 15.06
CA PRO A 333 14.46 3.34 14.67
C PRO A 333 15.95 3.36 14.36
N ALA A 334 16.49 4.51 13.96
CA ALA A 334 17.94 4.58 13.69
C ALA A 334 18.77 4.50 15.01
N GLN A 335 18.22 4.87 16.16
CA GLN A 335 18.97 4.77 17.46
C GLN A 335 18.63 3.49 18.22
N ARG A 336 17.58 2.75 17.77
CA ARG A 336 17.16 1.52 18.42
C ARG A 336 18.33 0.54 18.39
N ILE A 337 18.46 -0.26 19.42
CA ILE A 337 19.53 -1.29 19.46
C ILE A 337 19.32 -2.27 18.29
N THR A 338 20.41 -2.71 17.66
CA THR A 338 20.37 -3.81 16.68
C THR A 338 20.43 -5.13 17.40
N LEU A 339 20.03 -6.22 16.77
CA LEU A 339 20.07 -7.52 17.44
C LEU A 339 21.55 -8.02 17.58
N ALA A 340 22.44 -7.63 16.64
CA ALA A 340 23.89 -7.91 16.79
C ALA A 340 24.40 -7.27 18.10
N GLU A 341 24.00 -6.03 18.38
CA GLU A 341 24.34 -5.31 19.64
C GLU A 341 23.63 -5.94 20.83
N ALA A 342 22.36 -6.35 20.70
CA ALA A 342 21.57 -6.90 21.82
C ALA A 342 22.23 -8.20 22.32
N LEU A 343 22.81 -9.00 21.45
CA LEU A 343 23.42 -10.27 21.81
C LEU A 343 24.67 -10.01 22.70
N LEU A 344 25.23 -8.79 22.67
CA LEU A 344 26.40 -8.42 23.53
C LEU A 344 25.93 -7.71 24.82
N HIS A 345 24.63 -7.55 25.04
CA HIS A 345 24.14 -6.80 26.21
C HIS A 345 24.43 -7.62 27.45
N PRO A 346 24.82 -6.99 28.58
CA PRO A 346 25.12 -7.75 29.80
C PRO A 346 23.99 -8.61 30.37
N PHE A 347 22.74 -8.35 29.97
CA PHE A 347 21.61 -9.22 30.39
C PHE A 347 21.98 -10.65 30.08
N PHE A 348 22.64 -10.91 28.97
CA PHE A 348 22.87 -12.29 28.52
C PHE A 348 24.09 -12.91 29.23
N ALA A 349 24.78 -12.17 30.07
CA ALA A 349 25.83 -12.79 30.94
C ALA A 349 25.18 -13.80 31.91
N GLY A 350 23.88 -13.64 32.22
CA GLY A 350 23.17 -14.52 33.16
C GLY A 350 22.78 -15.88 32.58
N LEU A 351 22.91 -16.10 31.25
CA LEU A 351 22.62 -17.40 30.62
C LEU A 351 23.55 -18.47 31.19
N THR A 352 23.05 -19.70 31.31
CA THR A 352 23.93 -20.87 31.58
C THR A 352 24.78 -21.09 30.33
N PRO A 353 25.96 -21.76 30.45
CA PRO A 353 26.75 -22.15 29.28
C PRO A 353 25.93 -22.97 28.26
N GLU A 354 24.99 -23.81 28.72
CA GLU A 354 24.11 -24.64 27.87
C GLU A 354 23.15 -23.73 27.07
N GLU A 355 22.52 -22.74 27.75
CA GLU A 355 21.60 -21.80 27.05
C GLU A 355 22.41 -21.00 26.02
N ARG A 356 23.62 -20.54 26.40
CA ARG A 356 24.46 -19.63 25.56
C ARG A 356 24.95 -20.36 24.31
N SER A 357 25.33 -21.64 24.47
CA SER A 357 25.98 -22.49 23.45
C SER A 357 24.93 -23.19 22.56
N PHE A 358 23.64 -23.05 22.91
CA PHE A 358 22.46 -23.73 22.30
C PHE A 358 22.60 -25.26 22.44
N SER B 4 -44.05 7.56 -16.23
CA SER B 4 -44.29 8.49 -15.09
C SER B 4 -43.00 8.63 -14.24
N SER B 5 -42.64 9.86 -13.87
CA SER B 5 -41.48 10.20 -13.00
C SER B 5 -41.60 9.61 -11.59
N LYS B 6 -42.79 9.73 -10.97
CA LYS B 6 -43.05 9.22 -9.58
C LYS B 6 -42.88 7.70 -9.59
N ARG B 7 -43.68 7.07 -10.43
CA ARG B 7 -43.71 5.60 -10.58
C ARG B 7 -42.31 5.07 -10.89
N SER B 8 -41.63 5.62 -11.91
CA SER B 8 -40.30 5.12 -12.35
C SER B 8 -39.31 5.15 -11.19
N SER B 9 -39.25 6.23 -10.41
CA SER B 9 -38.25 6.42 -9.33
C SER B 9 -38.50 5.42 -8.17
N ARG B 10 -39.74 4.89 -8.04
CA ARG B 10 -40.29 4.03 -6.95
C ARG B 10 -39.70 2.61 -6.92
N SER B 11 -40.09 1.71 -7.82
CA SER B 11 -39.74 0.26 -7.74
C SER B 11 -38.45 -0.06 -8.53
N VAL B 12 -37.51 -0.80 -7.92
CA VAL B 12 -36.09 -0.88 -8.41
C VAL B 12 -35.44 -2.24 -8.18
N GLU B 13 -34.49 -2.59 -9.05
CA GLU B 13 -33.75 -3.87 -8.95
C GLU B 13 -32.37 -3.76 -9.54
N ASP B 14 -31.52 -4.68 -9.09
CA ASP B 14 -30.10 -4.83 -9.52
C ASP B 14 -29.94 -6.13 -10.27
N ASP B 15 -28.94 -6.21 -11.14
CA ASP B 15 -28.57 -7.45 -11.85
C ASP B 15 -27.59 -8.23 -10.97
N LYS B 16 -27.02 -9.33 -11.47
CA LYS B 16 -26.21 -10.22 -10.58
C LYS B 16 -24.85 -9.55 -10.24
N GLU B 17 -24.37 -8.61 -11.06
CA GLU B 17 -23.09 -7.87 -10.84
C GLU B 17 -23.36 -6.65 -9.93
N GLY B 18 -24.61 -6.39 -9.57
CA GLY B 18 -25.01 -5.29 -8.69
C GLY B 18 -25.09 -3.96 -9.42
N HIS B 19 -25.21 -3.97 -10.74
CA HIS B 19 -25.61 -2.77 -11.50
C HIS B 19 -27.09 -2.50 -11.23
N LEU B 20 -27.49 -1.25 -11.27
CA LEU B 20 -28.89 -0.84 -11.34
C LEU B 20 -29.45 -1.28 -12.70
N VAL B 21 -30.55 -2.03 -12.71
CA VAL B 21 -31.26 -2.31 -13.99
C VAL B 21 -32.01 -1.06 -14.42
N CYS B 22 -31.62 -0.42 -15.53
CA CYS B 22 -32.32 0.80 -15.97
C CYS B 22 -32.13 0.99 -17.47
N ARG B 23 -33.00 1.80 -18.07
CA ARG B 23 -32.83 2.14 -19.50
C ARG B 23 -33.34 3.53 -19.73
N ILE B 24 -33.12 4.04 -20.92
CA ILE B 24 -33.67 5.33 -21.40
C ILE B 24 -35.16 5.45 -21.05
N GLY B 25 -35.55 6.61 -20.49
CA GLY B 25 -36.95 6.90 -20.07
C GLY B 25 -37.19 6.67 -18.58
N ASP B 26 -36.30 5.94 -17.90
CA ASP B 26 -36.40 5.76 -16.42
C ASP B 26 -36.04 7.07 -15.71
N TRP B 27 -36.54 7.23 -14.48
CA TRP B 27 -36.30 8.41 -13.63
C TRP B 27 -35.58 7.98 -12.35
N LEU B 28 -34.79 8.88 -11.75
CA LEU B 28 -34.29 8.71 -10.39
C LEU B 28 -34.67 9.92 -9.56
N GLN B 29 -35.07 9.70 -8.30
CA GLN B 29 -35.33 10.79 -7.31
C GLN B 29 -36.47 11.71 -7.81
N GLU B 30 -37.32 11.21 -8.72
CA GLU B 30 -38.40 11.99 -9.37
C GLU B 30 -37.81 13.25 -10.00
N ARG B 31 -36.55 13.21 -10.45
CA ARG B 31 -35.86 14.44 -10.88
C ARG B 31 -35.08 14.20 -12.19
N TYR B 32 -34.31 13.10 -12.25
CA TYR B 32 -33.37 12.78 -13.35
C TYR B 32 -34.06 11.82 -14.32
N GLU B 33 -34.22 12.24 -15.57
CA GLU B 33 -34.80 11.44 -16.66
C GLU B 33 -33.66 10.98 -17.56
N ILE B 34 -33.47 9.67 -17.68
CA ILE B 34 -32.42 9.06 -18.54
C ILE B 34 -32.78 9.28 -20.00
N VAL B 35 -31.91 9.92 -20.79
CA VAL B 35 -32.16 10.18 -22.24
C VAL B 35 -31.03 9.55 -23.07
N GLY B 36 -29.97 9.01 -22.47
CA GLY B 36 -28.86 8.40 -23.24
C GLY B 36 -27.88 7.59 -22.39
N ASN B 37 -27.07 6.74 -23.04
CA ASN B 37 -26.03 5.89 -22.43
C ASN B 37 -24.67 6.49 -22.74
N LEU B 38 -23.80 6.65 -21.72
CA LEU B 38 -22.49 7.35 -21.89
C LEU B 38 -21.31 6.42 -21.55
N GLY B 39 -21.54 5.26 -20.96
CA GLY B 39 -20.43 4.37 -20.58
C GLY B 39 -20.84 3.34 -19.56
N GLU B 40 -20.12 2.21 -19.52
CA GLU B 40 -20.11 1.24 -18.40
C GLU B 40 -18.67 1.10 -17.89
N GLY B 41 -18.50 0.29 -16.87
CA GLY B 41 -17.17 0.17 -16.25
C GLY B 41 -17.27 -0.88 -15.21
N THR B 42 -16.11 -1.24 -14.64
CA THR B 42 -16.11 -2.10 -13.46
C THR B 42 -16.83 -1.34 -12.36
N PHE B 43 -16.87 0.00 -12.37
CA PHE B 43 -17.41 0.77 -11.22
C PHE B 43 -18.94 0.86 -11.31
N GLY B 44 -19.51 0.75 -12.49
CA GLY B 44 -20.93 1.14 -12.64
C GLY B 44 -21.22 1.64 -14.02
N LYS B 45 -22.25 2.48 -14.15
CA LYS B 45 -22.78 2.95 -15.45
C LYS B 45 -22.76 4.47 -15.46
N VAL B 46 -22.67 5.06 -16.64
CA VAL B 46 -22.82 6.51 -16.78
C VAL B 46 -23.99 6.73 -17.73
N VAL B 47 -24.98 7.53 -17.34
CA VAL B 47 -26.10 7.89 -18.25
C VAL B 47 -26.21 9.39 -18.39
N GLU B 48 -26.68 9.83 -19.56
CA GLU B 48 -27.08 11.22 -19.82
C GLU B 48 -28.53 11.40 -19.35
N CYS B 49 -28.76 12.39 -18.49
CA CYS B 49 -30.08 12.67 -17.90
C CYS B 49 -30.47 14.13 -18.14
N LEU B 50 -31.79 14.39 -18.15
CA LEU B 50 -32.31 15.76 -17.96
C LEU B 50 -32.60 15.92 -16.48
N ASP B 51 -32.12 17.01 -15.90
CA ASP B 51 -32.38 17.40 -14.50
C ASP B 51 -33.62 18.30 -14.48
N HIS B 52 -34.78 17.72 -14.18
CA HIS B 52 -36.08 18.43 -14.26
C HIS B 52 -36.22 19.44 -13.11
N ALA B 53 -35.33 19.42 -12.10
CA ALA B 53 -35.33 20.43 -11.02
C ALA B 53 -34.50 21.65 -11.43
N ARG B 54 -33.87 21.65 -12.61
CA ARG B 54 -32.98 22.74 -13.08
C ARG B 54 -33.21 22.92 -14.59
N GLY B 55 -34.46 23.03 -15.00
CA GLY B 55 -34.83 23.41 -16.38
C GLY B 55 -34.56 22.31 -17.39
N LYS B 56 -34.59 21.05 -16.98
CA LYS B 56 -34.25 19.90 -17.86
C LYS B 56 -32.83 20.08 -18.46
N SER B 57 -31.91 20.73 -17.75
CA SER B 57 -30.51 20.87 -18.21
C SER B 57 -29.85 19.50 -18.12
N GLN B 58 -28.84 19.28 -18.97
CA GLN B 58 -28.29 17.95 -19.26
C GLN B 58 -27.19 17.66 -18.24
N VAL B 59 -27.19 16.46 -17.67
CA VAL B 59 -26.09 15.99 -16.79
C VAL B 59 -25.57 14.64 -17.29
N ALA B 60 -24.32 14.35 -16.94
CA ALA B 60 -23.77 12.99 -16.94
C ALA B 60 -23.94 12.42 -15.53
N LEU B 61 -24.65 11.31 -15.36
CA LEU B 61 -24.93 10.74 -14.03
C LEU B 61 -24.17 9.43 -13.91
N LYS B 62 -23.21 9.35 -13.00
CA LYS B 62 -22.54 8.09 -12.65
C LYS B 62 -23.42 7.33 -11.67
N ILE B 63 -23.70 6.07 -11.98
CA ILE B 63 -24.51 5.17 -11.13
C ILE B 63 -23.60 4.00 -10.73
N ILE B 64 -23.07 4.05 -9.53
CA ILE B 64 -22.05 3.09 -9.02
C ILE B 64 -22.71 1.78 -8.62
N ARG B 65 -22.03 0.67 -8.89
CA ARG B 65 -22.53 -0.66 -8.49
C ARG B 65 -22.84 -0.73 -7.00
N ASN B 66 -23.86 -1.51 -6.69
CA ASN B 66 -24.20 -1.87 -5.29
C ASN B 66 -23.20 -2.88 -4.74
N VAL B 67 -21.92 -2.53 -4.65
CA VAL B 67 -20.82 -3.44 -4.21
C VAL B 67 -19.95 -2.57 -3.28
N GLY B 68 -19.66 -3.04 -2.07
CA GLY B 68 -18.98 -2.28 -1.00
C GLY B 68 -17.76 -1.53 -1.49
N LYS B 69 -16.80 -2.20 -2.14
CA LYS B 69 -15.54 -1.51 -2.51
C LYS B 69 -15.82 -0.32 -3.46
N TYR B 70 -16.81 -0.40 -4.32
CA TYR B 70 -17.13 0.68 -5.29
C TYR B 70 -17.93 1.77 -4.55
N ARG B 71 -18.83 1.40 -3.67
CA ARG B 71 -19.59 2.38 -2.86
C ARG B 71 -18.60 3.27 -2.08
N GLU B 72 -17.64 2.63 -1.42
CA GLU B 72 -16.65 3.33 -0.57
C GLU B 72 -15.76 4.23 -1.41
N ALA B 73 -15.26 3.76 -2.54
CA ALA B 73 -14.42 4.59 -3.42
C ALA B 73 -15.23 5.82 -3.85
N ALA B 74 -16.52 5.64 -4.20
CA ALA B 74 -17.36 6.76 -4.69
C ALA B 74 -17.53 7.79 -3.57
N ARG B 75 -17.73 7.31 -2.35
CA ARG B 75 -17.91 8.21 -1.19
C ARG B 75 -16.66 9.08 -0.99
N LEU B 76 -15.46 8.52 -1.20
CA LEU B 76 -14.19 9.31 -1.12
C LEU B 76 -14.10 10.31 -2.27
N GLU B 77 -14.49 9.90 -3.48
CA GLU B 77 -14.50 10.81 -4.65
C GLU B 77 -15.47 11.97 -4.29
N ILE B 78 -16.66 11.64 -3.78
CA ILE B 78 -17.66 12.73 -3.49
C ILE B 78 -17.04 13.74 -2.48
N ASN B 79 -16.33 13.23 -1.48
CA ASN B 79 -15.71 14.08 -0.42
C ASN B 79 -14.66 15.01 -1.06
N VAL B 80 -13.89 14.55 -2.05
CA VAL B 80 -12.93 15.42 -2.80
C VAL B 80 -13.68 16.49 -3.61
N LEU B 81 -14.70 16.08 -4.36
CA LEU B 81 -15.47 16.98 -5.24
C LEU B 81 -16.15 18.06 -4.37
N LYS B 82 -16.56 17.72 -3.16
CA LYS B 82 -17.21 18.68 -2.21
C LYS B 82 -16.19 19.71 -1.74
N LYS B 83 -15.00 19.24 -1.34
CA LYS B 83 -13.91 20.13 -0.88
C LYS B 83 -13.51 21.07 -2.01
N ILE B 84 -13.45 20.61 -3.24
CA ILE B 84 -13.11 21.46 -4.41
C ILE B 84 -14.18 22.54 -4.63
N LYS B 85 -15.46 22.13 -4.61
CA LYS B 85 -16.62 23.03 -4.84
C LYS B 85 -16.61 24.11 -3.78
N GLU B 86 -16.26 23.77 -2.54
CA GLU B 86 -16.23 24.69 -1.40
C GLU B 86 -15.12 25.74 -1.56
N LYS B 87 -13.98 25.37 -2.18
CA LYS B 87 -12.85 26.29 -2.40
C LYS B 87 -13.05 27.08 -3.69
N ASP B 88 -13.90 26.63 -4.61
CA ASP B 88 -14.10 27.34 -5.90
C ASP B 88 -15.60 27.64 -6.12
N LYS B 89 -16.26 28.35 -5.20
CA LYS B 89 -17.75 28.37 -5.23
C LYS B 89 -18.22 28.99 -6.55
N GLU B 90 -17.49 29.99 -7.06
CA GLU B 90 -17.80 30.73 -8.32
C GLU B 90 -17.31 30.00 -9.60
N ASN B 91 -16.86 28.74 -9.49
CA ASN B 91 -16.40 27.85 -10.60
C ASN B 91 -15.47 28.55 -11.60
N LYS B 92 -14.34 29.10 -11.15
CA LYS B 92 -13.40 29.83 -12.01
C LYS B 92 -12.23 28.91 -12.43
N PHE B 93 -12.04 27.76 -11.77
CA PHE B 93 -10.78 27.01 -11.93
C PHE B 93 -10.97 25.75 -12.79
N LEU B 94 -12.07 25.62 -13.55
CA LEU B 94 -12.13 24.76 -14.74
C LEU B 94 -12.10 23.25 -14.36
N CYS B 95 -12.50 22.91 -13.15
CA CYS B 95 -12.75 21.49 -12.76
C CYS B 95 -14.19 21.13 -13.12
N VAL B 96 -14.44 19.88 -13.46
CA VAL B 96 -15.85 19.44 -13.69
C VAL B 96 -16.74 19.85 -12.50
N LEU B 97 -17.95 20.28 -12.79
CA LEU B 97 -18.90 20.75 -11.76
C LEU B 97 -19.80 19.56 -11.36
N MET B 98 -19.61 19.05 -10.15
CA MET B 98 -20.57 18.13 -9.48
C MET B 98 -21.83 18.93 -9.09
N SER B 99 -22.95 18.67 -9.75
CA SER B 99 -24.23 19.38 -9.49
C SER B 99 -24.98 18.66 -8.37
N ASP B 100 -24.81 17.35 -8.17
CA ASP B 100 -25.58 16.64 -7.13
C ASP B 100 -24.90 15.33 -6.82
N TRP B 101 -25.22 14.72 -5.70
CA TRP B 101 -24.84 13.33 -5.40
C TRP B 101 -25.91 12.77 -4.47
N PHE B 102 -26.11 11.46 -4.47
CA PHE B 102 -27.15 10.83 -3.61
C PHE B 102 -26.92 9.33 -3.58
N ASN B 103 -27.49 8.69 -2.58
CA ASN B 103 -27.42 7.24 -2.42
C ASN B 103 -28.77 6.71 -2.91
N PHE B 104 -28.79 6.00 -4.05
CA PHE B 104 -30.04 5.46 -4.65
C PHE B 104 -30.06 3.95 -4.38
N HIS B 105 -30.64 3.55 -3.24
CA HIS B 105 -30.82 2.14 -2.85
C HIS B 105 -29.46 1.42 -2.80
N GLY B 106 -28.40 2.08 -2.33
CA GLY B 106 -27.09 1.44 -2.24
C GLY B 106 -26.20 1.84 -3.41
N HIS B 107 -26.78 2.40 -4.47
CA HIS B 107 -26.00 2.93 -5.59
C HIS B 107 -25.60 4.37 -5.25
N MET B 108 -24.31 4.61 -5.13
CA MET B 108 -23.88 6.04 -5.10
C MET B 108 -24.06 6.64 -6.49
N CYS B 109 -24.68 7.81 -6.56
CA CYS B 109 -24.92 8.53 -7.82
C CYS B 109 -24.29 9.91 -7.72
N ILE B 110 -23.59 10.29 -8.77
CA ILE B 110 -22.88 11.58 -8.90
C ILE B 110 -23.25 12.19 -10.25
N ALA B 111 -23.86 13.38 -10.20
CA ALA B 111 -24.24 14.18 -11.37
C ALA B 111 -23.19 15.24 -11.66
N PHE B 112 -22.85 15.37 -12.93
CA PHE B 112 -21.97 16.45 -13.43
C PHE B 112 -22.67 17.19 -14.57
N GLU B 113 -22.45 18.49 -14.70
CA GLU B 113 -22.90 19.26 -15.89
C GLU B 113 -22.35 18.54 -17.13
N LEU B 114 -23.18 18.34 -18.15
CA LEU B 114 -22.79 17.58 -19.37
C LEU B 114 -21.83 18.45 -20.16
N LEU B 115 -20.75 17.82 -20.63
CA LEU B 115 -19.71 18.48 -21.46
C LEU B 115 -19.65 17.73 -22.77
N GLY B 116 -18.73 18.12 -23.64
CA GLY B 116 -18.48 17.41 -24.89
C GLY B 116 -17.43 16.31 -24.80
N LYS B 117 -16.89 15.95 -25.96
CA LYS B 117 -15.94 14.84 -26.13
C LYS B 117 -14.63 15.15 -25.38
N ASN B 118 -13.95 14.10 -24.96
CA ASN B 118 -12.64 14.29 -24.30
C ASN B 118 -11.59 14.59 -25.39
N THR B 119 -10.44 15.09 -24.97
CA THR B 119 -9.37 15.54 -25.90
C THR B 119 -8.74 14.35 -26.61
N PHE B 120 -8.83 13.14 -26.06
CA PHE B 120 -8.31 11.93 -26.74
C PHE B 120 -9.30 11.55 -27.87
N GLU B 121 -10.58 11.47 -27.53
CA GLU B 121 -11.69 11.16 -28.50
C GLU B 121 -11.64 12.14 -29.69
N PHE B 122 -11.48 13.43 -29.42
CA PHE B 122 -11.44 14.44 -30.52
C PHE B 122 -10.23 14.14 -31.42
N LEU B 123 -9.07 13.86 -30.82
CA LEU B 123 -7.81 13.59 -31.56
C LEU B 123 -8.01 12.36 -32.44
N LYS B 124 -8.52 11.30 -31.86
CA LYS B 124 -8.82 10.02 -32.54
C LYS B 124 -9.74 10.25 -33.76
N GLU B 125 -10.78 11.05 -33.58
CA GLU B 125 -11.79 11.35 -34.64
C GLU B 125 -11.20 12.28 -35.72
N ASN B 126 -10.06 12.91 -35.43
CA ASN B 126 -9.28 13.73 -36.38
C ASN B 126 -8.12 12.90 -36.94
N ASN B 127 -8.23 11.57 -36.90
CA ASN B 127 -7.19 10.66 -37.46
CA ASN B 127 -7.20 10.61 -37.39
C ASN B 127 -5.82 10.92 -36.79
N PHE B 128 -5.81 11.33 -35.51
CA PHE B 128 -4.59 11.59 -34.71
C PHE B 128 -3.75 12.69 -35.36
N GLN B 129 -4.39 13.54 -36.17
CA GLN B 129 -3.70 14.77 -36.61
C GLN B 129 -3.65 15.68 -35.41
N PRO B 130 -2.47 16.26 -35.10
CA PRO B 130 -2.33 17.02 -33.88
C PRO B 130 -3.11 18.33 -33.86
N TYR B 131 -3.31 18.82 -32.67
CA TYR B 131 -3.95 20.13 -32.42
C TYR B 131 -2.97 21.19 -32.92
N PRO B 132 -3.48 22.26 -33.58
CA PRO B 132 -2.65 23.39 -33.99
C PRO B 132 -1.99 24.00 -32.75
N LEU B 133 -0.81 24.60 -32.90
CA LEU B 133 -0.06 25.15 -31.74
C LEU B 133 -0.92 26.14 -30.96
N PRO B 134 -1.75 27.02 -31.56
CA PRO B 134 -2.56 27.93 -30.75
C PRO B 134 -3.55 27.20 -29.83
N HIS B 135 -4.06 26.04 -30.29
CA HIS B 135 -5.00 25.22 -29.49
C HIS B 135 -4.19 24.56 -28.34
N VAL B 136 -3.02 24.04 -28.65
CA VAL B 136 -2.13 23.45 -27.62
C VAL B 136 -1.87 24.52 -26.54
N ARG B 137 -1.61 25.77 -26.96
CA ARG B 137 -1.28 26.86 -26.03
C ARG B 137 -2.46 27.17 -25.12
N HIS B 138 -3.67 27.32 -25.65
CA HIS B 138 -4.88 27.63 -24.85
C HIS B 138 -5.21 26.46 -23.91
N MET B 139 -5.10 25.24 -24.36
CA MET B 139 -5.37 24.05 -23.50
CA MET B 139 -5.38 24.04 -23.51
C MET B 139 -4.30 23.96 -22.41
N ALA B 140 -3.03 24.17 -22.76
CA ALA B 140 -1.91 24.18 -21.77
C ALA B 140 -2.21 25.22 -20.70
N TYR B 141 -2.60 26.42 -21.10
CA TYR B 141 -2.90 27.49 -20.15
C TYR B 141 -4.00 27.08 -19.17
N GLN B 142 -5.08 26.53 -19.68
CA GLN B 142 -6.25 26.15 -18.84
C GLN B 142 -5.82 25.01 -17.87
N LEU B 143 -5.07 24.04 -18.36
CA LEU B 143 -4.57 22.93 -17.48
C LEU B 143 -3.68 23.47 -16.36
N CYS B 144 -2.73 24.37 -16.66
CA CYS B 144 -1.88 25.02 -15.64
C CYS B 144 -2.75 25.76 -14.63
N HIS B 145 -3.75 26.50 -15.09
CA HIS B 145 -4.64 27.31 -14.21
C HIS B 145 -5.43 26.39 -13.25
N ALA B 146 -6.06 25.40 -13.82
CA ALA B 146 -6.89 24.42 -13.09
C ALA B 146 -6.03 23.72 -12.03
N LEU B 147 -4.91 23.14 -12.41
CA LEU B 147 -4.11 22.35 -11.45
C LEU B 147 -3.36 23.24 -10.46
N ARG B 148 -2.97 24.49 -10.84
CA ARG B 148 -2.32 25.39 -9.89
C ARG B 148 -3.27 25.60 -8.70
N PHE B 149 -4.55 25.84 -8.96
CA PHE B 149 -5.64 26.00 -7.97
CA PHE B 149 -5.47 26.09 -7.82
C PHE B 149 -5.65 24.79 -6.99
N LEU B 150 -5.72 23.61 -7.57
CA LEU B 150 -5.76 22.35 -6.75
C LEU B 150 -4.49 22.23 -5.95
N HIS B 151 -3.34 22.46 -6.59
CA HIS B 151 -2.02 22.33 -5.93
C HIS B 151 -1.92 23.28 -4.72
N GLU B 152 -2.42 24.52 -4.87
CA GLU B 152 -2.28 25.52 -3.77
C GLU B 152 -3.33 25.24 -2.68
N ASN B 153 -4.23 24.27 -2.86
CA ASN B 153 -5.18 23.73 -1.88
C ASN B 153 -4.77 22.28 -1.46
N GLN B 154 -3.49 21.98 -1.49
CA GLN B 154 -2.90 20.75 -0.90
C GLN B 154 -3.48 19.49 -1.57
N LEU B 155 -3.81 19.55 -2.87
CA LEU B 155 -4.39 18.41 -3.59
C LEU B 155 -3.50 18.08 -4.80
N THR B 156 -3.36 16.81 -5.11
CA THR B 156 -2.73 16.29 -6.35
C THR B 156 -3.74 15.42 -7.06
N HIS B 157 -3.91 15.57 -8.37
CA HIS B 157 -4.92 14.81 -9.14
C HIS B 157 -4.48 13.36 -9.30
N THR B 158 -3.24 13.15 -9.74
CA THR B 158 -2.51 11.89 -9.90
C THR B 158 -2.90 11.11 -11.16
N ASP B 159 -3.96 11.45 -11.87
CA ASP B 159 -4.27 10.64 -13.07
C ASP B 159 -4.68 11.51 -14.25
N LEU B 160 -3.92 12.57 -14.50
CA LEU B 160 -4.13 13.44 -15.67
C LEU B 160 -3.72 12.70 -16.94
N LYS B 161 -4.57 12.75 -17.94
CA LYS B 161 -4.38 12.09 -19.24
C LYS B 161 -5.44 12.68 -20.17
N PRO B 162 -5.21 12.63 -21.48
CA PRO B 162 -6.12 13.27 -22.44
C PRO B 162 -7.60 12.84 -22.30
N GLU B 163 -7.86 11.59 -21.88
CA GLU B 163 -9.24 11.06 -21.70
C GLU B 163 -9.96 11.76 -20.55
N ASN B 164 -9.23 12.36 -19.58
CA ASN B 164 -9.80 13.03 -18.37
C ASN B 164 -9.91 14.53 -18.61
N ILE B 165 -9.60 15.04 -19.80
CA ILE B 165 -9.71 16.47 -20.14
C ILE B 165 -10.84 16.60 -21.19
N LEU B 166 -11.94 17.29 -20.84
CA LEU B 166 -13.14 17.34 -21.71
C LEU B 166 -13.32 18.75 -22.28
N PHE B 167 -13.64 18.84 -23.56
CA PHE B 167 -14.13 20.12 -24.15
C PHE B 167 -15.50 20.45 -23.60
N VAL B 168 -15.71 21.72 -23.31
CA VAL B 168 -17.06 22.25 -22.95
C VAL B 168 -18.01 21.96 -24.11
N ASN B 169 -17.52 22.11 -25.33
CA ASN B 169 -18.30 21.84 -26.55
C ASN B 169 -17.30 21.39 -27.62
N SER B 170 -17.48 20.21 -28.20
CA SER B 170 -16.48 19.61 -29.11
C SER B 170 -16.91 19.78 -30.58
N GLU B 171 -17.85 20.67 -30.88
CA GLU B 171 -18.22 20.98 -32.30
C GLU B 171 -16.98 21.52 -33.01
N PHE B 172 -16.77 21.12 -34.28
CA PHE B 172 -15.59 21.48 -35.08
C PHE B 172 -16.00 22.08 -36.43
N GLU B 173 -15.01 22.76 -37.05
CA GLU B 173 -15.01 23.17 -38.47
C GLU B 173 -14.08 22.21 -39.20
N THR B 174 -14.42 21.85 -40.43
CA THR B 174 -13.52 21.09 -41.33
C THR B 174 -12.82 22.10 -42.23
N LEU B 175 -11.60 22.47 -41.87
CA LEU B 175 -10.72 23.36 -42.68
C LEU B 175 -9.87 22.45 -43.58
N TYR B 176 -9.56 22.90 -44.78
CA TYR B 176 -8.70 22.14 -45.73
C TYR B 176 -7.29 22.74 -45.69
N ASN B 177 -6.27 21.90 -45.45
CA ASN B 177 -4.84 22.30 -45.35
C ASN B 177 -4.24 22.26 -46.76
N GLU B 178 -3.91 23.43 -47.31
CA GLU B 178 -3.35 23.58 -48.68
C GLU B 178 -2.03 22.81 -48.73
N HIS B 179 -1.17 23.00 -47.72
CA HIS B 179 0.22 22.45 -47.62
C HIS B 179 0.23 20.92 -47.47
N LYS B 180 -0.70 20.34 -46.68
CA LYS B 180 -0.78 18.87 -46.42
C LYS B 180 -1.56 18.19 -47.57
N SER B 181 -2.37 18.96 -48.32
CA SER B 181 -3.34 18.45 -49.32
C SER B 181 -4.28 17.42 -48.67
N CYS B 182 -4.72 17.68 -47.44
CA CYS B 182 -5.79 16.92 -46.72
C CYS B 182 -6.64 17.89 -45.89
N GLU B 183 -7.83 17.47 -45.45
CA GLU B 183 -8.65 18.30 -44.52
C GLU B 183 -8.50 17.78 -43.08
N GLU B 184 -8.72 18.71 -42.14
CA GLU B 184 -8.51 18.50 -40.70
C GLU B 184 -9.73 19.05 -39.99
N LYS B 185 -10.04 18.48 -38.83
CA LYS B 185 -11.07 19.04 -37.93
C LYS B 185 -10.36 19.97 -36.95
N SER B 186 -10.98 21.12 -36.72
CA SER B 186 -10.49 22.21 -35.87
C SER B 186 -11.61 22.51 -34.88
N VAL B 187 -11.41 22.27 -33.57
CA VAL B 187 -12.51 22.50 -32.60
C VAL B 187 -12.85 24.00 -32.61
N LYS B 188 -14.13 24.37 -32.50
CA LYS B 188 -14.53 25.78 -32.66
C LYS B 188 -14.24 26.53 -31.39
N ASN B 189 -14.23 25.82 -30.24
CA ASN B 189 -13.96 26.45 -28.92
C ASN B 189 -13.06 25.49 -28.10
N THR B 190 -11.90 25.97 -27.68
CA THR B 190 -10.84 25.13 -27.03
C THR B 190 -11.02 25.19 -25.50
N SER B 191 -12.14 25.70 -24.97
CA SER B 191 -12.46 25.68 -23.51
C SER B 191 -12.55 24.22 -23.03
N ILE B 192 -11.82 23.89 -21.96
CA ILE B 192 -11.73 22.52 -21.42
C ILE B 192 -12.08 22.52 -19.93
N ARG B 193 -12.34 21.33 -19.43
CA ARG B 193 -12.50 21.07 -17.99
C ARG B 193 -11.73 19.81 -17.60
N VAL B 194 -11.26 19.79 -16.37
CA VAL B 194 -10.51 18.63 -15.81
C VAL B 194 -11.48 17.72 -15.06
N ALA B 195 -11.52 16.43 -15.41
CA ALA B 195 -12.44 15.43 -14.82
C ALA B 195 -11.67 14.39 -14.01
N ASP B 196 -12.42 13.53 -13.30
CA ASP B 196 -11.95 12.24 -12.74
C ASP B 196 -11.09 12.49 -11.51
N PHE B 197 -11.71 12.81 -10.38
CA PHE B 197 -11.03 13.04 -9.10
C PHE B 197 -11.04 11.81 -8.18
N GLY B 198 -11.36 10.63 -8.71
CA GLY B 198 -11.39 9.36 -7.96
C GLY B 198 -10.04 8.95 -7.37
N SER B 199 -8.92 9.50 -7.87
CA SER B 199 -7.56 9.18 -7.37
C SER B 199 -6.90 10.39 -6.65
N ALA B 200 -7.58 11.53 -6.56
CA ALA B 200 -6.96 12.77 -6.06
C ALA B 200 -6.67 12.62 -4.57
N THR B 201 -5.48 13.02 -4.17
CA THR B 201 -4.95 12.79 -2.80
C THR B 201 -4.57 14.13 -2.16
N PHE B 202 -5.03 14.38 -0.92
CA PHE B 202 -4.57 15.57 -0.15
C PHE B 202 -3.17 15.29 0.40
N ASP B 203 -2.44 16.36 0.68
CA ASP B 203 -1.05 16.23 1.21
C ASP B 203 -0.99 15.36 2.47
N HIS B 204 -1.97 15.44 3.33
CA HIS B 204 -1.93 14.77 4.67
C HIS B 204 -2.36 13.28 4.56
N GLU B 205 -2.94 12.88 3.44
CA GLU B 205 -3.58 11.56 3.24
C GLU B 205 -2.54 10.54 2.83
N HIS B 206 -2.88 9.29 3.03
CA HIS B 206 -2.03 8.17 2.57
C HIS B 206 -1.83 8.28 1.06
N HIS B 207 -0.58 8.17 0.61
CA HIS B 207 -0.24 8.22 -0.83
C HIS B 207 -0.04 6.78 -1.31
N THR B 208 -0.88 6.31 -2.21
CA THR B 208 -0.75 5.00 -2.90
CA THR B 208 -0.67 4.95 -2.73
C THR B 208 0.61 4.95 -3.58
N THR B 209 1.22 3.80 -3.68
CA THR B 209 2.54 3.70 -4.32
C THR B 209 2.52 3.99 -5.80
N ILE B 210 1.66 3.30 -6.54
CA ILE B 210 1.64 3.45 -8.01
C ILE B 210 0.42 4.29 -8.36
N VAL B 211 0.70 5.46 -8.93
CA VAL B 211 -0.34 6.40 -9.39
C VAL B 211 -0.03 6.71 -10.87
N ALA B 212 -0.98 7.34 -11.54
CA ALA B 212 -0.99 7.77 -12.95
C ALA B 212 -1.06 6.57 -13.93
N THR B 213 -1.59 6.81 -15.11
CA THR B 213 -1.60 5.86 -16.21
C THR B 213 -0.18 5.83 -16.78
N ARG B 214 0.27 4.67 -17.23
CA ARG B 214 1.68 4.42 -17.63
C ARG B 214 2.29 5.62 -18.37
N HIS B 215 1.69 6.04 -19.48
CA HIS B 215 2.31 7.00 -20.39
C HIS B 215 2.58 8.34 -19.66
N TYR B 216 1.81 8.70 -18.64
CA TYR B 216 1.81 10.01 -17.95
C TYR B 216 2.52 9.92 -16.58
N ARG B 217 3.12 8.79 -16.28
CA ARG B 217 3.65 8.50 -14.93
C ARG B 217 5.10 8.99 -14.83
N PRO B 218 5.42 9.76 -13.76
CA PRO B 218 6.75 10.34 -13.61
C PRO B 218 7.79 9.36 -13.04
N PRO B 219 9.09 9.65 -13.20
CA PRO B 219 10.12 8.76 -12.69
C PRO B 219 10.18 8.54 -11.19
N GLU B 220 9.75 9.52 -10.37
CA GLU B 220 9.75 9.36 -8.91
C GLU B 220 8.65 8.34 -8.50
N VAL B 221 7.63 8.15 -9.30
CA VAL B 221 6.63 7.07 -9.04
C VAL B 221 7.21 5.72 -9.43
N ILE B 222 7.79 5.60 -10.61
CA ILE B 222 8.41 4.36 -11.09
C ILE B 222 9.46 3.88 -10.08
N LEU B 223 10.30 4.79 -9.57
CA LEU B 223 11.41 4.43 -8.64
C LEU B 223 10.95 4.45 -7.19
N GLU B 224 9.67 4.74 -6.91
CA GLU B 224 9.09 4.68 -5.57
C GLU B 224 9.86 5.56 -4.60
N LEU B 225 10.03 6.83 -4.97
CA LEU B 225 10.83 7.79 -4.17
C LEU B 225 9.91 8.74 -3.44
N GLY B 226 8.60 8.55 -3.56
CA GLY B 226 7.63 9.50 -2.99
C GLY B 226 7.17 10.48 -4.06
N TRP B 227 5.91 10.91 -4.02
CA TRP B 227 5.40 11.82 -5.03
C TRP B 227 4.49 12.84 -4.36
N ALA B 228 4.25 13.91 -5.08
CA ALA B 228 3.35 15.00 -4.67
C ALA B 228 2.93 15.78 -5.90
N GLN B 229 2.62 17.06 -5.75
CA GLN B 229 2.08 17.90 -6.86
C GLN B 229 2.96 17.78 -8.10
N PRO B 230 4.32 17.68 -8.01
CA PRO B 230 5.11 17.60 -9.23
C PRO B 230 4.73 16.44 -10.17
N CYS B 231 4.12 15.36 -9.63
CA CYS B 231 3.59 14.23 -10.44
C CYS B 231 2.68 14.77 -11.53
N ASP B 232 1.73 15.67 -11.19
CA ASP B 232 0.77 16.25 -12.15
C ASP B 232 1.46 17.11 -13.22
N VAL B 233 2.57 17.74 -12.82
CA VAL B 233 3.33 18.59 -13.79
C VAL B 233 3.99 17.72 -14.84
N TRP B 234 4.52 16.59 -14.46
CA TRP B 234 5.09 15.63 -15.45
C TRP B 234 3.97 15.17 -16.39
N SER B 235 2.81 14.81 -15.84
CA SER B 235 1.71 14.28 -16.68
C SER B 235 1.32 15.38 -17.70
N ILE B 236 1.19 16.64 -17.22
CA ILE B 236 0.83 17.74 -18.15
C ILE B 236 1.90 17.83 -19.26
N GLY B 237 3.18 17.76 -18.97
CA GLY B 237 4.22 17.78 -20.04
C GLY B 237 3.98 16.69 -21.07
N CYS B 238 3.65 15.47 -20.63
CA CYS B 238 3.39 14.33 -21.54
C CYS B 238 2.14 14.62 -22.35
N ILE B 239 1.10 15.18 -21.73
CA ILE B 239 -0.18 15.51 -22.41
C ILE B 239 0.12 16.53 -23.52
N LEU B 240 0.89 17.56 -23.23
CA LEU B 240 1.13 18.63 -24.22
C LEU B 240 1.90 18.05 -25.40
N PHE B 241 2.87 17.18 -25.19
CA PHE B 241 3.60 16.52 -26.29
C PHE B 241 2.59 15.83 -27.20
N GLU B 242 1.71 15.05 -26.57
CA GLU B 242 0.67 14.28 -27.29
C GLU B 242 -0.29 15.19 -28.03
N TYR B 243 -0.73 16.31 -27.48
CA TYR B 243 -1.59 17.26 -28.24
C TYR B 243 -0.84 17.82 -29.46
N TYR B 244 0.46 18.03 -29.31
CA TYR B 244 1.31 18.69 -30.34
C TYR B 244 1.69 17.73 -31.48
N ARG B 245 1.91 16.45 -31.23
CA ARG B 245 2.34 15.47 -32.25
C ARG B 245 1.21 14.50 -32.56
N GLY B 246 0.26 14.29 -31.64
CA GLY B 246 -0.85 13.33 -31.83
C GLY B 246 -0.51 11.90 -31.40
N PHE B 247 0.71 11.64 -30.94
CA PHE B 247 1.14 10.31 -30.45
C PHE B 247 1.80 10.47 -29.05
N THR B 248 1.77 9.41 -28.25
CA THR B 248 2.32 9.44 -26.86
C THR B 248 3.82 9.60 -26.89
N LEU B 249 4.36 10.37 -25.95
CA LEU B 249 5.82 10.50 -25.78
C LEU B 249 6.44 9.17 -25.34
N PHE B 250 5.83 8.48 -24.37
CA PHE B 250 6.44 7.25 -23.82
C PHE B 250 5.59 6.02 -24.19
N GLN B 251 5.93 5.32 -25.27
CA GLN B 251 5.12 4.18 -25.78
C GLN B 251 5.77 2.89 -25.30
N THR B 252 5.45 2.51 -24.08
CA THR B 252 6.10 1.40 -23.33
C THR B 252 5.13 0.88 -22.28
N HIS B 253 5.33 -0.36 -21.83
CA HIS B 253 4.59 -0.92 -20.68
C HIS B 253 5.53 -1.57 -19.68
N GLU B 254 6.79 -1.14 -19.60
CA GLU B 254 7.71 -1.76 -18.64
C GLU B 254 8.60 -0.67 -18.06
N ASN B 255 8.82 -0.75 -16.76
CA ASN B 255 9.57 0.30 -16.03
C ASN B 255 11.00 0.52 -16.53
N ARG B 256 11.78 -0.54 -16.74
CA ARG B 256 13.19 -0.34 -17.17
C ARG B 256 13.23 0.36 -18.54
N GLU B 257 12.46 -0.13 -19.48
CA GLU B 257 12.38 0.45 -20.82
C GLU B 257 11.91 1.92 -20.71
N HIS B 258 10.91 2.19 -19.88
CA HIS B 258 10.38 3.55 -19.70
C HIS B 258 11.50 4.50 -19.25
N LEU B 259 12.28 4.11 -18.24
CA LEU B 259 13.40 4.91 -17.70
C LEU B 259 14.44 5.12 -18.80
N VAL B 260 14.74 4.10 -19.60
CA VAL B 260 15.72 4.24 -20.73
C VAL B 260 15.19 5.27 -21.72
N MET B 261 13.91 5.19 -22.08
CA MET B 261 13.33 6.18 -23.03
C MET B 261 13.46 7.58 -22.41
N MET B 262 13.22 7.71 -21.11
CA MET B 262 13.32 9.06 -20.47
C MET B 262 14.75 9.57 -20.65
N GLU B 263 15.76 8.72 -20.41
CA GLU B 263 17.17 9.13 -20.57
C GLU B 263 17.47 9.49 -22.04
N LYS B 264 17.04 8.71 -23.02
CA LYS B 264 17.32 8.98 -24.46
C LYS B 264 16.70 10.32 -24.85
N ILE B 265 15.52 10.64 -24.33
CA ILE B 265 14.76 11.83 -24.74
C ILE B 265 15.15 13.06 -23.92
N LEU B 266 15.49 12.89 -22.65
CA LEU B 266 15.58 14.02 -21.71
C LEU B 266 16.95 14.15 -21.08
N GLY B 267 17.82 13.16 -21.19
CA GLY B 267 19.17 13.27 -20.62
C GLY B 267 19.31 12.43 -19.36
N PRO B 268 20.47 12.55 -18.69
CA PRO B 268 20.83 11.60 -17.63
C PRO B 268 19.93 11.73 -16.40
N ILE B 269 19.69 10.60 -15.76
CA ILE B 269 18.88 10.54 -14.51
C ILE B 269 19.77 11.06 -13.41
N PRO B 270 19.26 11.96 -12.54
CA PRO B 270 20.06 12.43 -11.40
C PRO B 270 20.55 11.28 -10.48
N SER B 271 21.82 11.31 -10.15
CA SER B 271 22.46 10.22 -9.38
CA SER B 271 22.51 10.28 -9.33
C SER B 271 21.77 10.02 -8.02
N HIS B 272 21.29 11.07 -7.35
CA HIS B 272 20.68 10.88 -6.02
C HIS B 272 19.39 10.06 -6.12
N MET B 273 18.67 10.13 -7.25
CA MET B 273 17.42 9.35 -7.44
C MET B 273 17.80 7.85 -7.61
N ILE B 274 18.84 7.59 -8.39
CA ILE B 274 19.36 6.23 -8.55
C ILE B 274 19.81 5.68 -7.19
N HIS B 275 20.52 6.45 -6.37
CA HIS B 275 21.07 5.95 -5.10
C HIS B 275 19.92 5.61 -4.13
N ARG B 276 18.83 6.35 -4.16
CA ARG B 276 17.79 6.24 -3.13
C ARG B 276 16.84 5.09 -3.43
N THR B 277 16.64 4.71 -4.71
CA THR B 277 15.56 3.78 -5.07
C THR B 277 15.82 2.39 -4.46
N ARG B 278 14.74 1.69 -4.10
CA ARG B 278 14.88 0.25 -3.77
C ARG B 278 15.13 -0.57 -5.04
N LYS B 279 14.83 -0.02 -6.23
CA LYS B 279 14.85 -0.81 -7.50
CA LYS B 279 14.85 -0.76 -7.52
C LYS B 279 16.30 -0.83 -8.06
N GLN B 280 17.24 -1.24 -7.23
CA GLN B 280 18.68 -1.30 -7.62
C GLN B 280 18.90 -2.29 -8.78
N LYS B 281 18.00 -3.26 -8.99
CA LYS B 281 18.11 -4.27 -10.07
C LYS B 281 18.11 -3.57 -11.44
N TYR B 282 17.56 -2.36 -11.57
CA TYR B 282 17.48 -1.64 -12.87
C TYR B 282 18.87 -1.08 -13.26
N PHE B 283 19.83 -1.02 -12.36
CA PHE B 283 21.08 -0.26 -12.53
C PHE B 283 22.31 -1.17 -12.32
N TYR B 284 23.38 -0.82 -13.02
CA TYR B 284 24.72 -1.46 -12.85
C TYR B 284 25.77 -0.37 -12.86
N LYS B 285 26.53 -0.25 -11.77
CA LYS B 285 27.51 0.85 -11.59
C LYS B 285 26.87 2.17 -11.98
N GLY B 286 25.62 2.41 -11.58
CA GLY B 286 25.03 3.76 -11.69
C GLY B 286 24.35 4.00 -13.04
N GLY B 287 24.40 3.05 -13.98
CA GLY B 287 23.73 3.20 -15.28
C GLY B 287 22.58 2.22 -15.41
N LEU B 288 21.61 2.55 -16.25
CA LEU B 288 20.49 1.62 -16.53
C LEU B 288 21.03 0.42 -17.27
N VAL B 289 20.54 -0.76 -16.88
CA VAL B 289 20.87 -2.04 -17.55
C VAL B 289 20.05 -2.10 -18.83
N TRP B 290 20.68 -2.10 -19.98
CA TRP B 290 19.95 -1.98 -21.25
C TRP B 290 20.86 -2.44 -22.39
N ASP B 291 20.40 -3.40 -23.18
CA ASP B 291 21.15 -3.97 -24.32
C ASP B 291 20.76 -3.17 -25.55
N GLU B 292 21.61 -2.26 -25.99
CA GLU B 292 21.42 -1.43 -27.20
C GLU B 292 21.26 -2.30 -28.46
N ASN B 293 21.76 -3.54 -28.42
CA ASN B 293 21.88 -4.40 -29.64
C ASN B 293 20.72 -5.38 -29.78
N SER B 294 19.91 -5.61 -28.74
CA SER B 294 18.70 -6.48 -28.82
C SER B 294 17.67 -5.85 -29.74
N SER B 295 16.65 -6.62 -30.09
CA SER B 295 15.45 -6.13 -30.83
C SER B 295 14.90 -4.86 -30.16
N ASP B 296 14.67 -4.89 -28.84
CA ASP B 296 14.11 -3.72 -28.10
C ASP B 296 15.10 -2.55 -28.16
N GLY B 297 16.38 -2.84 -27.98
CA GLY B 297 17.44 -1.82 -27.98
C GLY B 297 17.43 -1.06 -29.30
N ARG B 298 17.36 -1.80 -30.41
CA ARG B 298 17.39 -1.20 -31.76
C ARG B 298 16.11 -0.37 -31.98
N TYR B 299 14.96 -0.84 -31.52
CA TYR B 299 13.70 -0.09 -31.68
C TYR B 299 13.77 1.25 -30.92
N VAL B 300 14.19 1.20 -29.65
CA VAL B 300 14.30 2.43 -28.82
C VAL B 300 15.30 3.37 -29.48
N LYS B 301 16.45 2.87 -29.92
CA LYS B 301 17.50 3.70 -30.55
C LYS B 301 16.93 4.43 -31.78
N GLU B 302 16.10 3.77 -32.59
CA GLU B 302 15.54 4.32 -33.85
C GLU B 302 14.51 5.40 -33.50
N ASN B 303 13.67 5.12 -32.49
CA ASN B 303 12.39 5.84 -32.26
C ASN B 303 12.50 6.90 -31.15
N CYS B 304 13.41 6.80 -30.18
CA CYS B 304 13.47 7.69 -29.01
C CYS B 304 14.67 8.62 -29.14
N LYS B 305 14.40 9.87 -29.53
CA LYS B 305 15.42 10.89 -29.88
C LYS B 305 15.32 12.02 -28.89
N PRO B 306 16.32 12.92 -28.80
CA PRO B 306 16.24 14.09 -27.92
C PRO B 306 14.97 14.91 -28.16
N LEU B 307 14.37 15.37 -27.07
CA LEU B 307 13.02 16.01 -27.11
C LEU B 307 12.95 17.07 -28.23
N LYS B 308 13.97 17.91 -28.37
CA LYS B 308 13.98 18.99 -29.43
C LYS B 308 13.80 18.46 -30.85
N SER B 309 14.17 17.23 -31.12
CA SER B 309 14.06 16.64 -32.47
C SER B 309 12.59 16.52 -32.87
N TYR B 310 11.60 16.64 -31.93
CA TYR B 310 10.17 16.43 -32.25
C TYR B 310 9.50 17.76 -32.56
N MET B 311 10.24 18.88 -32.62
CA MET B 311 9.60 20.18 -32.98
C MET B 311 9.10 20.07 -34.41
N LEU B 312 7.91 20.57 -34.73
CA LEU B 312 7.40 20.56 -36.12
C LEU B 312 7.84 21.82 -36.91
N GLN B 313 8.11 22.92 -36.22
CA GLN B 313 8.57 24.23 -36.80
CA GLN B 313 8.56 24.22 -36.80
C GLN B 313 9.64 24.77 -35.87
N ASP B 314 10.48 25.72 -36.34
CA ASP B 314 11.58 26.26 -35.51
C ASP B 314 11.29 27.70 -35.09
N SER B 315 10.07 28.20 -35.26
CA SER B 315 9.73 29.59 -34.88
C SER B 315 9.68 29.74 -33.35
N LEU B 316 9.75 30.97 -32.87
CA LEU B 316 9.77 31.28 -31.43
C LEU B 316 8.65 30.53 -30.64
N GLU B 317 7.41 30.53 -31.10
CA GLU B 317 6.32 29.94 -30.28
C GLU B 317 6.57 28.44 -30.10
N HIS B 318 7.17 27.78 -31.08
CA HIS B 318 7.48 26.33 -30.98
C HIS B 318 8.64 26.19 -30.01
N VAL B 319 9.64 27.07 -30.09
CA VAL B 319 10.82 27.02 -29.19
C VAL B 319 10.33 27.21 -27.75
N GLN B 320 9.43 28.13 -27.53
CA GLN B 320 8.91 28.41 -26.19
C GLN B 320 8.05 27.23 -25.67
N LEU B 321 7.22 26.61 -26.49
CA LEU B 321 6.47 25.39 -26.06
C LEU B 321 7.50 24.36 -25.57
N PHE B 322 8.53 24.12 -26.36
CA PHE B 322 9.50 23.05 -26.03
C PHE B 322 10.30 23.41 -24.77
N ASP B 323 10.60 24.70 -24.51
CA ASP B 323 11.32 25.05 -23.28
C ASP B 323 10.39 24.75 -22.08
N LEU B 324 9.12 25.13 -22.16
CA LEU B 324 8.16 24.87 -21.05
C LEU B 324 7.99 23.35 -20.86
N MET B 325 7.80 22.60 -21.95
CA MET B 325 7.64 21.12 -21.87
CA MET B 325 7.64 21.13 -21.88
C MET B 325 8.88 20.48 -21.25
N ARG B 326 10.07 20.93 -21.62
CA ARG B 326 11.31 20.34 -21.02
C ARG B 326 11.36 20.62 -19.52
N ARG B 327 10.91 21.78 -19.07
CA ARG B 327 10.89 22.11 -17.62
C ARG B 327 9.83 21.28 -16.88
N MET B 328 8.73 20.96 -17.52
CA MET B 328 7.67 20.08 -16.92
C MET B 328 8.19 18.64 -16.84
N LEU B 329 9.10 18.26 -17.72
CA LEU B 329 9.67 16.89 -17.82
C LEU B 329 11.06 16.84 -17.17
N GLU B 330 11.33 17.64 -16.14
CA GLU B 330 12.59 17.54 -15.34
CA GLU B 330 12.57 17.56 -15.34
C GLU B 330 12.49 16.25 -14.53
N PHE B 331 13.51 15.41 -14.60
CA PHE B 331 13.53 14.15 -13.80
C PHE B 331 13.33 14.42 -12.31
N ASP B 332 14.10 15.34 -11.76
CA ASP B 332 14.04 15.60 -10.30
C ASP B 332 12.76 16.38 -10.00
N PRO B 333 11.81 15.79 -9.25
CA PRO B 333 10.56 16.50 -8.96
C PRO B 333 10.78 17.79 -8.17
N ALA B 334 11.85 17.86 -7.38
CA ALA B 334 12.12 19.09 -6.62
C ALA B 334 12.63 20.22 -7.56
N GLN B 335 13.16 19.94 -8.73
CA GLN B 335 13.65 20.98 -9.67
C GLN B 335 12.60 21.27 -10.76
N ARG B 336 11.56 20.43 -10.86
CA ARG B 336 10.54 20.53 -11.91
C ARG B 336 9.87 21.88 -11.75
N ILE B 337 9.48 22.48 -12.85
CA ILE B 337 8.73 23.76 -12.81
C ILE B 337 7.41 23.52 -12.02
N THR B 338 6.97 24.50 -11.27
CA THR B 338 5.64 24.51 -10.64
C THR B 338 4.61 25.14 -11.57
N LEU B 339 3.33 24.88 -11.34
CA LEU B 339 2.31 25.44 -12.27
C LEU B 339 2.20 26.97 -12.07
N ALA B 340 2.41 27.48 -10.86
CA ALA B 340 2.46 28.95 -10.62
C ALA B 340 3.57 29.55 -11.48
N GLU B 341 4.72 28.90 -11.57
CA GLU B 341 5.82 29.34 -12.47
C GLU B 341 5.45 29.20 -13.95
N ALA B 342 4.86 28.06 -14.33
CA ALA B 342 4.51 27.75 -15.72
C ALA B 342 3.57 28.85 -16.27
N LEU B 343 2.66 29.36 -15.47
CA LEU B 343 1.66 30.36 -15.91
C LEU B 343 2.35 31.70 -16.27
N LEU B 344 3.57 31.93 -15.79
CA LEU B 344 4.34 33.18 -16.15
C LEU B 344 5.29 32.91 -17.33
N HIS B 345 5.37 31.71 -17.87
CA HIS B 345 6.37 31.36 -18.91
C HIS B 345 6.08 32.19 -20.17
N PRO B 346 7.11 32.62 -20.91
CA PRO B 346 6.89 33.41 -22.12
C PRO B 346 5.98 32.79 -23.19
N PHE B 347 5.89 31.45 -23.20
CA PHE B 347 5.02 30.76 -24.15
C PHE B 347 3.59 31.35 -24.07
N PHE B 348 3.12 31.75 -22.91
CA PHE B 348 1.71 32.14 -22.76
C PHE B 348 1.49 33.61 -23.19
N ALA B 349 2.52 34.34 -23.57
CA ALA B 349 2.35 35.70 -24.16
C ALA B 349 1.54 35.61 -25.46
N GLY B 350 1.57 34.47 -26.17
CA GLY B 350 0.84 34.29 -27.44
C GLY B 350 -0.65 34.08 -27.31
N LEU B 351 -1.19 33.90 -26.09
CA LEU B 351 -2.66 33.81 -25.88
C LEU B 351 -3.33 35.11 -26.36
N THR B 352 -4.53 35.01 -26.92
CA THR B 352 -5.41 36.18 -27.20
C THR B 352 -5.87 36.69 -25.85
N PRO B 353 -6.25 37.99 -25.76
CA PRO B 353 -6.85 38.55 -24.55
C PRO B 353 -8.07 37.77 -24.05
N GLU B 354 -8.87 37.22 -24.97
CA GLU B 354 -10.07 36.39 -24.67
C GLU B 354 -9.63 35.06 -24.02
N GLU B 355 -8.64 34.39 -24.60
CA GLU B 355 -8.09 33.13 -24.01
C GLU B 355 -7.52 33.42 -22.62
N ARG B 356 -6.81 34.53 -22.44
CA ARG B 356 -6.03 34.84 -21.20
CA ARG B 356 -6.03 34.80 -21.20
C ARG B 356 -7.01 35.17 -20.07
N SER B 357 -8.08 35.89 -20.37
CA SER B 357 -9.02 36.46 -19.35
C SER B 357 -10.08 35.44 -18.89
N PHE B 358 -10.17 34.27 -19.53
CA PHE B 358 -11.22 33.23 -19.32
C PHE B 358 -12.59 33.77 -19.77
N HIS B 359 -12.61 34.46 -20.92
CA HIS B 359 -13.83 34.90 -21.66
C HIS B 359 -13.84 34.13 -23.00
N THR B 360 -13.84 32.80 -22.87
CA THR B 360 -13.74 31.73 -23.90
C THR B 360 -12.68 32.08 -24.96
P PO4 C . -0.23 1.13 -1.04
P PO4 C . 0.29 -0.60 0.58
O1 PO4 C . -0.43 -0.34 -0.74
O1 PO4 C . 0.12 -2.10 0.46
O2 PO4 C . -1.60 1.82 -1.11
O2 PO4 C . -0.91 0.10 -0.06
O3 PO4 C . 0.48 1.23 -2.37
O3 PO4 C . 1.55 -0.18 -0.15
O4 PO4 C . 0.60 1.78 0.05
O4 PO4 C . 0.38 -0.21 2.01
P PO4 D . -6.09 10.46 7.35
O1 PO4 D . -7.31 9.87 8.06
O2 PO4 D . -6.44 10.76 5.90
O3 PO4 D . -5.68 11.74 8.02
O4 PO4 D . -4.93 9.47 7.43
P PO4 E . -12.78 -14.33 1.33
O1 PO4 E . -13.24 -15.47 2.24
O2 PO4 E . -13.93 -13.34 1.14
O3 PO4 E . -12.35 -14.86 -0.03
O4 PO4 E . -11.57 -13.63 1.98
C1 EDO F . -3.73 19.65 23.86
O1 EDO F . -4.30 18.34 24.01
C2 EDO F . -2.26 19.66 23.52
O2 EDO F . -1.38 19.86 24.65
C1 EDO G . 22.18 1.54 15.97
O1 EDO G . 23.57 1.25 15.90
C2 EDO G . 21.79 2.21 17.22
O2 EDO G . 22.18 1.50 18.39
C1 EDO H . 0.06 -0.69 31.17
O1 EDO H . 0.58 -0.26 29.90
C2 EDO H . -0.24 -2.10 31.15
O2 EDO H . 0.84 -2.61 30.41
C1 EDO I . -8.28 -14.80 -9.26
C1 EDO I . -7.87 -14.28 -9.84
O1 EDO I . -8.94 -15.92 -8.68
O1 EDO I . -8.75 -15.16 -9.16
C2 EDO I . -7.32 -15.13 -10.36
C2 EDO I . -6.92 -14.97 -10.76
O2 EDO I . -7.03 -16.51 -10.50
O2 EDO I . -6.19 -14.08 -11.61
C1 EDO J . 2.55 7.24 2.89
C1 EDO J . 2.46 7.19 2.41
O1 EDO J . 1.63 8.20 2.41
O1 EDO J . 1.62 8.32 2.41
C2 EDO J . 3.11 6.39 1.86
C2 EDO J . 3.07 6.93 3.69
O2 EDO J . 3.98 6.99 0.92
O2 EDO J . 3.78 8.06 4.21
C1 EDO K . -7.47 -35.59 0.76
O1 EDO K . -7.18 -36.96 0.47
C2 EDO K . -8.87 -35.21 0.35
O2 EDO K . -9.86 -36.19 0.70
C1 EDO L . 1.09 -38.59 -5.73
O1 EDO L . 1.39 -39.93 -6.00
C2 EDO L . 2.31 -37.83 -5.38
O2 EDO L . 2.94 -37.28 -6.53
C1 EDO M . 5.91 -20.89 -6.00
O1 EDO M . 5.72 -21.39 -7.29
C2 EDO M . 6.93 -21.64 -5.24
O2 EDO M . 8.06 -21.93 -6.03
C1 EDO N . 3.55 -9.60 1.84
O1 EDO N . 3.04 -8.84 2.92
C2 EDO N . 5.02 -9.68 1.80
O2 EDO N . 5.47 -11.01 1.85
C1 EDO O . 3.18 -32.89 31.97
O1 EDO O . 2.34 -31.91 32.56
C2 EDO O . 3.77 -32.37 30.75
O2 EDO O . 3.07 -31.24 30.30
C1 EDO P . -16.23 11.88 36.14
O1 EDO P . -16.56 12.91 37.07
C2 EDO P . -15.30 10.86 36.68
O2 EDO P . -14.18 11.39 37.38
C1 EDO Q . -14.69 7.82 25.73
O1 EDO Q . -15.40 8.99 26.12
C2 EDO Q . -13.24 8.02 25.62
O2 EDO Q . -12.63 8.94 26.50
C1 EDO R . 7.84 0.54 -0.70
O1 EDO R . 9.00 -0.08 -0.47
C2 EDO R . 7.86 1.93 -0.49
O2 EDO R . 7.75 2.47 -1.76
NA NA S . 13.94 -6.11 5.01
NA NA T . -9.09 -38.19 -0.37
C15 PQ5 U . 1.94 -27.39 16.07
C13 PQ5 U . 3.48 -25.57 13.42
C1 PQ5 U . 3.78 -22.29 10.76
C6 PQ5 U . 2.52 -22.73 11.21
C4 PQ5 U . 3.57 -24.51 12.46
C3 PQ5 U . 4.80 -24.10 11.97
C5 PQ5 U . 2.42 -23.83 12.06
C2 PQ5 U . 4.90 -23.01 11.13
C11 PQ5 U . 0.36 -25.72 15.37
C8 PQ5 U . -0.40 -22.20 12.41
C9 PQ5 U . -1.59 -24.07 13.39
C10 PQ5 U . -1.35 -23.91 14.84
C12 PQ5 U . 2.39 -25.82 14.28
C7 PQ5 U . 0.06 -22.58 11.04
O3 PQ5 U . 2.97 -20.47 9.46
C PQ5 U . 4.02 -21.10 9.90
O PQ5 U . 5.17 -20.78 9.60
O1 PQ5 U . 1.40 -22.06 10.77
O2 PQ5 U . -1.65 -22.81 12.75
N PQ5 U . -0.85 -25.10 15.51
C16 PQ5 U . 0.70 -26.82 16.18
N3 PQ5 U . 2.81 -26.91 15.11
N1 PQ5 U . 1.16 -25.21 14.43
N2 PQ5 U . 4.11 -27.34 14.79
C14 PQ5 U . 4.48 -26.52 13.75
P PO4 V . 10.68 -6.33 -6.94
O1 PO4 V . 9.93 -7.07 -8.04
O2 PO4 V . 10.24 -4.86 -6.96
O3 PO4 V . 10.35 -6.94 -5.58
O4 PO4 V . 12.18 -6.43 -7.17
P PO4 W . -15.66 -7.29 -9.54
O1 PO4 W . -16.85 -8.06 -10.10
O2 PO4 W . -15.89 -6.98 -8.06
O3 PO4 W . -14.39 -8.14 -9.69
O4 PO4 W . -15.51 -5.99 -10.31
C1 EDO X . -7.66 8.22 -3.11
O1 EDO X . -8.92 8.86 -3.23
C2 EDO X . -7.73 6.77 -3.41
O2 EDO X . -6.73 6.30 -4.30
C1 EDO Y . -4.29 17.85 8.30
O1 EDO Y . -2.89 17.82 8.47
C2 EDO Y . -4.67 18.77 7.19
O2 EDO Y . -6.07 18.81 6.99
C1 EDO Z . 11.73 24.34 -8.97
O1 EDO Z . 10.42 24.84 -9.22
C2 EDO Z . 12.84 25.24 -9.42
O2 EDO Z . 13.58 24.77 -10.54
C1 EDO AA . -25.60 17.97 -3.43
O1 EDO AA . -26.20 17.20 -2.40
C2 EDO AA . -24.22 18.44 -3.10
O2 EDO AA . -23.40 18.63 -4.24
C1 EDO BA . 15.96 23.44 -18.57
C1 EDO BA . 15.19 23.14 -18.40
O1 EDO BA . 17.09 24.08 -17.99
O1 EDO BA . 15.63 21.81 -18.40
C2 EDO BA . 15.47 24.11 -19.79
C2 EDO BA . 15.80 23.94 -19.49
O2 EDO BA . 15.08 23.20 -20.80
O2 EDO BA . 15.09 23.87 -20.70
C1 EDO CA . 23.23 14.35 -11.70
O1 EDO CA . 23.11 14.28 -10.30
C2 EDO CA . 23.97 13.22 -12.29
O2 EDO CA . 23.88 13.24 -13.72
C1 EDO DA . -34.54 3.83 -12.17
O1 EDO DA . -35.66 4.62 -12.46
C2 EDO DA . -34.88 2.39 -11.96
O2 EDO DA . -35.12 1.73 -13.19
C1 EDO EA . -37.14 1.70 -24.46
O1 EDO EA . -37.10 1.20 -23.14
C2 EDO EA . -38.11 0.95 -25.31
O2 EDO EA . -37.60 0.56 -26.57
C1 EDO FA . -3.55 2.81 -13.15
O1 EDO FA . -3.08 1.60 -12.57
C2 EDO FA . -3.46 3.92 -12.19
O2 EDO FA . -2.33 3.76 -11.36
C1 EDO GA . 3.75 17.40 0.14
O1 EDO GA . 3.08 18.41 -0.61
C2 EDO GA . 2.93 16.18 0.35
O2 EDO GA . 3.69 14.99 0.74
C1 EDO HA . 7.71 9.06 -29.96
O1 EDO HA . 7.76 7.67 -29.86
C2 EDO HA . 8.50 9.69 -28.92
O2 EDO HA . 9.45 8.78 -28.43
C1 EDO IA . 16.44 -4.99 -24.00
O1 EDO IA . 17.00 -3.79 -24.49
C2 EDO IA . 16.72 -5.15 -22.56
O2 EDO IA . 18.02 -4.72 -22.24
NA NA JA . -1.35 16.26 -2.46
C15 PQ5 KA . -20.13 13.80 -21.35
C13 PQ5 KA . -18.88 14.01 -18.03
C1 PQ5 KA . -16.65 12.65 -14.68
C6 PQ5 KA . -17.17 11.73 -15.61
C4 PQ5 KA . -18.15 13.53 -16.87
C3 PQ5 KA . -17.67 14.43 -15.94
C5 PQ5 KA . -17.93 12.17 -16.69
C2 PQ5 KA . -16.93 14.00 -14.86
C11 PQ5 KA . -19.09 11.69 -20.93
C8 PQ5 KA . -16.88 9.26 -17.55
C9 PQ5 KA . -18.58 8.99 -19.25
C10 PQ5 KA . -17.95 9.50 -20.52
C12 PQ5 KA . -19.07 13.31 -19.24
C7 PQ5 KA . -17.53 9.35 -16.20
O3 PQ5 KA . -15.53 11.08 -13.25
C PQ5 KA . -15.75 12.34 -13.53
O PQ5 KA . -15.21 13.28 -12.93
O1 PQ5 KA . -16.92 10.39 -15.37
O2 PQ5 KA . -17.57 8.36 -18.43
N PQ5 KA . -18.76 10.42 -21.31
C16 PQ5 KA . -19.81 12.55 -21.78
N3 PQ5 KA . -19.77 14.19 -20.07
N1 PQ5 KA . -18.73 12.07 -19.67
N2 PQ5 KA . -20.03 15.37 -19.44
C14 PQ5 KA . -19.49 15.27 -18.19
#